data_6YWP
#
_entry.id   6YWP
#
_cell.length_a   89.960
_cell.length_b   70.233
_cell.length_c   145.337
_cell.angle_alpha   90.000
_cell.angle_beta   103.182
_cell.angle_gamma   90.000
#
_symmetry.space_group_name_H-M   'C 1 2 1'
#
loop_
_entity.id
_entity.type
_entity.pdbx_description
1 polymer CutA
2 non-polymer 'MAGNESIUM ION'
3 water water
#
_entity_poly.entity_id   1
_entity_poly.type   'polypeptide(L)'
_entity_poly.pdbx_seq_one_letter_code
;ETAIPFSRRRMPYSLGTDKLEKVDPDKIKSKLSEDVERKLETDMRELYDRLLPTEAIEVNRRELVSKLERLFNTEWPGHD
IRVHLFGSSGNLLCSDDSDVDICITTPWRELESVCMIAELLDRHGMEKVVCVSSAKVPIVKIWDPELKLACDMNVNNTLA
LENTRMVRTYVSIDDRVRPLAMIIKYWTRRRVVNDAAFGGTLSSYTWICMIIAFLQLRDPPVLPALHQQHDLKLVKQDGA
LSDFADDIPKLRGFGAKNKDSLAVLLFQFFRFYAHEFDYDKYTLSIRMGTLLTKAEKNWQYLVNNALCVEEPFNDGRNLG
NTADETSFRGLHMELRRAFDLIAEGKLEECCEQYVFPKEEERV
;
_entity_poly.pdbx_strand_id   A,B
#
# COMPACT_ATOMS: atom_id res chain seq x y z
N ARG A 8 12.74 -9.33 2.78
CA ARG A 8 13.84 -8.66 3.49
C ARG A 8 13.39 -8.23 4.87
N ARG A 9 12.69 -9.13 5.56
CA ARG A 9 12.19 -8.85 6.91
C ARG A 9 13.34 -8.52 7.85
N ARG A 10 13.30 -7.32 8.42
CA ARG A 10 14.37 -6.89 9.32
C ARG A 10 14.28 -7.57 10.68
N MET A 11 13.07 -7.65 11.26
CA MET A 11 12.90 -8.26 12.57
C MET A 11 12.33 -9.65 12.41
N PRO A 12 13.09 -10.71 12.63
CA PRO A 12 12.60 -12.06 12.34
C PRO A 12 11.46 -12.46 13.26
N TYR A 13 10.54 -13.26 12.70
CA TYR A 13 9.40 -13.75 13.46
C TYR A 13 9.81 -14.54 14.70
N SER A 14 11.05 -15.04 14.74
CA SER A 14 11.52 -15.78 15.91
C SER A 14 11.62 -14.89 17.14
N LEU A 15 11.57 -13.57 16.97
CA LEU A 15 11.62 -12.67 18.12
C LEU A 15 10.39 -12.83 19.01
N GLY A 16 9.26 -13.21 18.43
CA GLY A 16 8.02 -13.24 19.17
C GLY A 16 7.40 -11.86 19.26
N THR A 17 6.33 -11.77 20.06
CA THR A 17 5.57 -10.54 20.20
C THR A 17 5.52 -10.03 21.64
N ASP A 18 6.25 -10.67 22.56
CA ASP A 18 6.18 -10.29 23.96
C ASP A 18 6.64 -8.86 24.16
N LYS A 19 5.93 -8.14 25.04
CA LYS A 19 6.37 -6.82 25.45
C LYS A 19 7.66 -6.94 26.25
N LEU A 20 8.54 -5.97 26.09
CA LEU A 20 9.78 -5.96 26.86
C LEU A 20 9.48 -5.69 28.33
N GLU A 21 10.33 -6.23 29.19
CA GLU A 21 10.13 -6.08 30.63
C GLU A 21 10.25 -4.63 31.06
N LYS A 22 9.47 -4.26 32.07
CA LYS A 22 9.60 -2.95 32.71
C LYS A 22 10.75 -3.03 33.70
N VAL A 23 11.86 -2.37 33.39
CA VAL A 23 13.04 -2.40 34.25
C VAL A 23 12.80 -1.54 35.47
N ASP A 24 13.33 -1.98 36.61
CA ASP A 24 13.25 -1.21 37.84
C ASP A 24 13.81 0.20 37.58
N PRO A 25 13.03 1.26 37.81
CA PRO A 25 13.51 2.61 37.44
C PRO A 25 14.84 2.98 38.09
N ASP A 26 15.16 2.42 39.26
CA ASP A 26 16.41 2.74 39.92
C ASP A 26 17.62 2.16 39.19
N LYS A 27 17.41 1.19 38.31
CA LYS A 27 18.49 0.56 37.57
C LYS A 27 18.69 1.17 36.18
N ILE A 28 17.96 2.22 35.85
CA ILE A 28 18.12 2.94 34.59
C ILE A 28 18.91 4.21 34.87
N LYS A 29 20.03 4.38 34.16
CA LYS A 29 20.89 5.54 34.38
C LYS A 29 20.12 6.83 34.15
N SER A 30 20.17 7.71 35.14
CA SER A 30 19.36 8.93 35.12
C SER A 30 20.00 10.03 34.28
N LYS A 31 21.32 10.15 34.32
CA LYS A 31 22.00 11.17 33.55
C LYS A 31 23.44 10.75 33.29
N LEU A 32 24.02 11.32 32.24
CA LEU A 32 25.41 11.03 31.90
C LEU A 32 26.35 11.61 32.94
N SER A 33 27.47 10.91 33.14
CA SER A 33 28.53 11.47 33.96
C SER A 33 29.19 12.64 33.24
N GLU A 34 29.96 13.42 33.99
CA GLU A 34 30.60 14.60 33.41
C GLU A 34 31.59 14.20 32.31
N ASP A 35 32.32 13.11 32.52
CA ASP A 35 33.30 12.69 31.52
C ASP A 35 32.63 12.11 30.28
N VAL A 36 31.56 11.33 30.47
CA VAL A 36 30.88 10.71 29.34
C VAL A 36 30.25 11.77 28.44
N GLU A 37 29.60 12.77 29.04
CA GLU A 37 28.96 13.81 28.24
C GLU A 37 29.96 14.60 27.41
N ARG A 38 31.10 14.95 28.01
CA ARG A 38 32.09 15.73 27.29
C ARG A 38 32.67 14.97 26.10
N LYS A 39 32.94 13.67 26.29
CA LYS A 39 33.47 12.87 25.18
C LYS A 39 32.38 12.58 24.15
N LEU A 40 31.15 12.33 24.62
CA LEU A 40 30.05 12.12 23.69
C LEU A 40 29.76 13.38 22.88
N GLU A 41 29.92 14.54 23.49
CA GLU A 41 29.69 15.80 22.79
C GLU A 41 30.69 15.98 21.66
N THR A 42 31.97 15.73 21.92
CA THR A 42 32.99 15.88 20.88
C THR A 42 32.83 14.81 19.81
N ASP A 43 32.51 13.57 20.21
CA ASP A 43 32.30 12.51 19.23
C ASP A 43 31.10 12.80 18.34
N MET A 44 30.07 13.45 18.88
CA MET A 44 28.88 13.74 18.08
C MET A 44 29.14 14.87 17.08
N ARG A 45 29.90 15.89 17.49
CA ARG A 45 30.16 17.00 16.58
C ARG A 45 31.18 16.61 15.51
N GLU A 46 32.05 15.65 15.81
CA GLU A 46 32.95 15.12 14.78
C GLU A 46 32.15 14.30 13.75
N LEU A 47 31.21 13.49 14.22
CA LEU A 47 30.37 12.73 13.30
C LEU A 47 29.46 13.66 12.50
N TYR A 48 28.91 14.67 13.15
CA TYR A 48 28.05 15.65 12.47
C TYR A 48 28.80 16.33 11.33
N ASP A 49 30.08 16.64 11.54
CA ASP A 49 30.89 17.22 10.46
C ASP A 49 31.04 16.25 9.31
N ARG A 50 31.15 14.95 9.60
CA ARG A 50 31.21 13.94 8.54
CA ARG A 50 31.22 13.96 8.53
C ARG A 50 29.88 13.80 7.82
N LEU A 51 28.76 13.98 8.54
CA LEU A 51 27.45 13.79 7.97
C LEU A 51 26.96 14.97 7.13
N LEU A 52 27.52 16.16 7.35
CA LEU A 52 27.06 17.33 6.62
C LEU A 52 27.39 17.20 5.13
N PRO A 53 26.54 17.72 4.26
CA PRO A 53 26.80 17.61 2.82
C PRO A 53 27.91 18.56 2.38
N THR A 54 28.52 18.21 1.25
CA THR A 54 29.57 19.02 0.63
C THR A 54 29.00 19.80 -0.53
N GLU A 55 29.64 20.94 -0.85
CA GLU A 55 29.14 21.80 -1.91
C GLU A 55 29.15 21.09 -3.26
N ALA A 56 30.19 20.30 -3.52
CA ALA A 56 30.31 19.64 -4.82
C ALA A 56 29.14 18.69 -5.06
N ILE A 57 28.68 18.01 -4.01
CA ILE A 57 27.53 17.12 -4.17
C ILE A 57 26.23 17.93 -4.15
N GLU A 58 26.21 19.06 -3.46
CA GLU A 58 25.02 19.90 -3.46
C GLU A 58 24.74 20.46 -4.84
N VAL A 59 25.79 20.85 -5.58
CA VAL A 59 25.56 21.36 -6.93
C VAL A 59 25.15 20.24 -7.87
N ASN A 60 25.55 19.01 -7.57
CA ASN A 60 25.12 17.88 -8.39
C ASN A 60 23.61 17.65 -8.26
N ARG A 61 23.08 17.78 -7.04
CA ARG A 61 21.64 17.62 -6.87
C ARG A 61 20.87 18.73 -7.57
N ARG A 62 21.43 19.94 -7.61
CA ARG A 62 20.78 21.03 -8.35
C ARG A 62 20.93 20.84 -9.86
N GLU A 63 22.06 20.28 -10.31
CA GLU A 63 22.20 19.95 -11.72
C GLU A 63 21.19 18.89 -12.15
N LEU A 64 20.91 17.92 -11.28
CA LEU A 64 19.91 16.91 -11.60
C LEU A 64 18.52 17.53 -11.73
N VAL A 65 18.16 18.41 -10.81
CA VAL A 65 16.86 19.07 -10.85
C VAL A 65 16.71 19.86 -12.16
N SER A 66 17.75 20.63 -12.51
CA SER A 66 17.69 21.42 -13.74
C SER A 66 17.65 20.52 -14.97
N LYS A 67 18.44 19.44 -14.97
CA LYS A 67 18.43 18.52 -16.10
C LYS A 67 17.07 17.88 -16.28
N LEU A 68 16.44 17.45 -15.18
CA LEU A 68 15.11 16.85 -15.26
C LEU A 68 14.07 17.86 -15.74
N GLU A 69 14.14 19.10 -15.24
CA GLU A 69 13.14 20.10 -15.63
C GLU A 69 13.25 20.45 -17.10
N ARG A 70 14.47 20.47 -17.66
CA ARG A 70 14.62 20.72 -19.09
C ARG A 70 14.10 19.54 -19.91
N LEU A 71 14.39 18.31 -19.47
CA LEU A 71 13.92 17.13 -20.19
C LEU A 71 12.40 17.09 -20.26
N PHE A 72 11.74 17.43 -19.14
CA PHE A 72 10.28 17.35 -19.10
C PHE A 72 9.65 18.45 -19.94
N ASN A 73 10.16 19.67 -19.86
CA ASN A 73 9.57 20.78 -20.58
C ASN A 73 9.89 20.75 -22.08
N THR A 74 11.02 20.15 -22.46
CA THR A 74 11.30 20.01 -23.89
C THR A 74 10.50 18.86 -24.50
N GLU A 75 10.21 17.82 -23.72
CA GLU A 75 9.42 16.70 -24.24
C GLU A 75 7.92 17.03 -24.25
N TRP A 76 7.43 17.69 -23.21
CA TRP A 76 6.01 18.05 -23.10
C TRP A 76 5.91 19.55 -22.85
N PRO A 77 6.04 20.36 -23.89
CA PRO A 77 6.04 21.81 -23.71
C PRO A 77 4.65 22.35 -23.41
N GLY A 78 4.61 23.54 -22.83
CA GLY A 78 3.38 24.27 -22.60
C GLY A 78 2.64 23.91 -21.34
N HIS A 79 3.26 23.18 -20.41
CA HIS A 79 2.55 22.70 -19.22
C HIS A 79 3.17 23.21 -17.93
N ASP A 80 4.17 24.10 -17.99
CA ASP A 80 4.79 24.68 -16.82
C ASP A 80 5.18 23.60 -15.80
N ILE A 81 6.02 22.69 -16.25
CA ILE A 81 6.45 21.56 -15.44
C ILE A 81 7.65 22.01 -14.61
N ARG A 82 7.52 21.91 -13.28
CA ARG A 82 8.55 22.33 -12.36
CA ARG A 82 8.56 22.32 -12.37
C ARG A 82 8.97 21.16 -11.48
N VAL A 83 10.24 21.16 -11.09
CA VAL A 83 10.85 20.10 -10.29
C VAL A 83 11.23 20.67 -8.93
N HIS A 84 10.86 19.96 -7.86
CA HIS A 84 11.07 20.42 -6.51
C HIS A 84 11.80 19.36 -5.69
N LEU A 85 12.71 19.80 -4.84
CA LEU A 85 13.31 18.91 -3.85
C LEU A 85 12.38 18.78 -2.65
N PHE A 86 12.34 17.59 -2.05
CA PHE A 86 11.60 17.39 -0.82
C PHE A 86 12.28 16.29 -0.02
N GLY A 87 11.74 16.01 1.16
CA GLY A 87 12.35 15.01 2.02
C GLY A 87 13.67 15.51 2.57
N SER A 88 14.65 14.60 2.69
CA SER A 88 15.96 14.97 3.17
C SER A 88 16.61 16.03 2.28
N SER A 89 16.32 16.00 0.99
CA SER A 89 16.93 16.96 0.07
C SER A 89 16.42 18.38 0.31
N GLY A 90 15.33 18.55 1.04
CA GLY A 90 14.76 19.87 1.24
C GLY A 90 14.51 20.29 2.68
N ASN A 91 14.86 19.45 3.66
CA ASN A 91 14.58 19.77 5.06
C ASN A 91 15.85 19.95 5.88
N LEU A 92 17.00 20.09 5.23
CA LEU A 92 18.30 20.33 5.88
C LEU A 92 18.81 19.11 6.64
N LEU A 93 18.39 17.91 6.25
CA LEU A 93 18.80 16.70 6.97
C LEU A 93 19.50 15.68 6.08
N CYS A 94 19.83 16.03 4.83
CA CYS A 94 20.43 15.05 3.94
C CYS A 94 21.95 15.05 4.06
N SER A 95 22.54 13.93 3.65
CA SER A 95 23.99 13.78 3.55
C SER A 95 24.35 13.55 2.08
N ASP A 96 25.66 13.43 1.82
CA ASP A 96 26.12 13.27 0.45
C ASP A 96 25.61 11.97 -0.17
N ASP A 97 25.40 10.94 0.63
CA ASP A 97 24.93 9.66 0.12
C ASP A 97 23.41 9.53 0.17
N SER A 98 22.70 10.61 0.48
CA SER A 98 21.24 10.56 0.48
C SER A 98 20.70 10.53 -0.94
N ASP A 99 19.56 9.84 -1.10
CA ASP A 99 18.84 9.90 -2.36
C ASP A 99 18.32 11.31 -2.61
N VAL A 100 18.00 11.59 -3.86
CA VAL A 100 17.38 12.84 -4.25
C VAL A 100 15.88 12.57 -4.40
N ASP A 101 15.09 13.12 -3.48
CA ASP A 101 13.64 12.99 -3.52
C ASP A 101 13.06 14.19 -4.25
N ILE A 102 12.28 13.92 -5.30
CA ILE A 102 11.84 14.96 -6.22
C ILE A 102 10.32 14.92 -6.32
N CYS A 103 9.70 16.10 -6.26
CA CYS A 103 8.28 16.25 -6.54
C CYS A 103 8.13 17.11 -7.79
N ILE A 104 7.46 16.55 -8.79
CA ILE A 104 7.22 17.24 -10.06
C ILE A 104 5.80 17.79 -10.05
N THR A 105 5.66 19.08 -10.33
CA THR A 105 4.36 19.74 -10.33
C THR A 105 4.04 20.28 -11.71
N THR A 106 2.75 20.24 -12.06
CA THR A 106 2.20 20.76 -13.30
C THR A 106 0.68 20.71 -13.22
N PRO A 107 -0.03 21.64 -13.85
CA PRO A 107 -1.49 21.49 -13.94
C PRO A 107 -1.91 20.41 -14.92
N TRP A 108 -0.97 19.89 -15.70
CA TRP A 108 -1.23 18.87 -16.72
C TRP A 108 -1.32 17.51 -16.03
N ARG A 109 -2.55 17.06 -15.77
CA ARG A 109 -2.76 15.85 -14.97
C ARG A 109 -2.23 14.59 -15.63
N GLU A 110 -2.03 14.61 -16.96
CA GLU A 110 -1.54 13.41 -17.65
C GLU A 110 -0.14 13.03 -17.20
N LEU A 111 0.64 13.97 -16.67
CA LEU A 111 1.97 13.65 -16.19
C LEU A 111 1.95 12.73 -14.97
N GLU A 112 0.80 12.56 -14.33
CA GLU A 112 0.69 11.65 -13.19
C GLU A 112 0.69 10.17 -13.61
N SER A 113 0.89 9.87 -14.89
CA SER A 113 1.18 8.53 -15.36
C SER A 113 2.70 8.41 -15.43
N VAL A 114 3.29 7.92 -14.34
CA VAL A 114 4.73 8.06 -14.14
C VAL A 114 5.55 7.15 -15.03
N CYS A 115 5.00 6.03 -15.51
CA CYS A 115 5.78 5.18 -16.40
C CYS A 115 6.06 5.87 -17.73
N MET A 116 5.25 6.86 -18.10
CA MET A 116 5.58 7.71 -19.24
C MET A 116 6.85 8.52 -18.96
N ILE A 117 7.04 8.93 -17.70
CA ILE A 117 8.29 9.59 -17.32
C ILE A 117 9.44 8.60 -17.32
N ALA A 118 9.19 7.38 -16.86
CA ALA A 118 10.22 6.36 -16.85
C ALA A 118 10.76 6.08 -18.24
N GLU A 119 9.88 6.06 -19.24
CA GLU A 119 10.32 5.83 -20.61
C GLU A 119 11.20 6.97 -21.10
N LEU A 120 10.84 8.21 -20.77
CA LEU A 120 11.62 9.36 -21.22
C LEU A 120 13.03 9.32 -20.63
N LEU A 121 13.14 9.04 -19.33
CA LEU A 121 14.44 9.06 -18.68
C LEU A 121 15.31 7.89 -19.13
N ASP A 122 14.71 6.71 -19.29
CA ASP A 122 15.45 5.59 -19.85
C ASP A 122 15.90 5.89 -21.27
N ARG A 123 15.06 6.58 -22.05
CA ARG A 123 15.42 6.95 -23.41
C ARG A 123 16.60 7.91 -23.43
N HIS A 124 16.79 8.69 -22.36
CA HIS A 124 17.82 9.72 -22.31
C HIS A 124 18.99 9.35 -21.40
N GLY A 125 19.21 8.05 -21.17
CA GLY A 125 20.44 7.58 -20.55
C GLY A 125 20.36 7.22 -19.08
N MET A 126 19.25 7.50 -18.40
CA MET A 126 19.15 7.11 -17.01
C MET A 126 19.12 5.58 -16.89
N GLU A 127 19.62 5.09 -15.74
CA GLU A 127 19.76 3.66 -15.51
C GLU A 127 18.92 3.24 -14.32
N LYS A 128 18.66 1.93 -14.23
CA LYS A 128 17.85 1.35 -13.16
C LYS A 128 16.51 2.06 -13.04
N VAL A 129 15.87 2.31 -14.18
CA VAL A 129 14.64 3.08 -14.23
C VAL A 129 13.47 2.14 -13.96
N VAL A 130 12.78 2.35 -12.85
CA VAL A 130 11.58 1.58 -12.49
C VAL A 130 10.47 2.55 -12.12
N CYS A 131 9.25 2.27 -12.56
CA CYS A 131 8.07 3.01 -12.14
C CYS A 131 7.22 2.12 -11.25
N VAL A 132 6.50 2.75 -10.32
CA VAL A 132 5.64 2.03 -9.38
C VAL A 132 4.27 2.68 -9.45
N SER A 133 3.41 2.20 -10.35
CA SER A 133 2.09 2.80 -10.56
C SER A 133 1.04 2.20 -9.62
N ALA A 135 0.04 1.78 -6.15
CA ALA A 135 0.94 2.35 -5.14
C ALA A 135 0.40 3.67 -4.58
N LYS A 136 0.68 3.92 -3.29
CA LYS A 136 0.23 5.11 -2.58
C LYS A 136 0.36 6.36 -3.43
N VAL A 137 1.59 6.82 -3.64
CA VAL A 137 1.91 7.79 -4.67
C VAL A 137 2.81 7.09 -5.68
N PRO A 138 2.48 7.12 -6.98
CA PRO A 138 3.38 6.51 -7.97
C PRO A 138 4.76 7.16 -7.95
N ILE A 139 5.79 6.33 -8.10
CA ILE A 139 7.18 6.76 -7.97
C ILE A 139 7.98 6.24 -9.17
N VAL A 140 8.82 7.09 -9.73
CA VAL A 140 9.85 6.67 -10.68
C VAL A 140 11.20 6.75 -9.99
N LYS A 141 11.95 5.65 -10.04
CA LYS A 141 13.29 5.59 -9.49
C LYS A 141 14.30 5.49 -10.62
N ILE A 142 15.36 6.29 -10.54
CA ILE A 142 16.42 6.29 -11.54
C ILE A 142 17.77 6.30 -10.83
N TRP A 143 18.82 6.03 -11.61
CA TRP A 143 20.19 6.22 -11.19
C TRP A 143 20.89 7.04 -12.28
N ASP A 144 21.37 8.23 -11.92
CA ASP A 144 22.06 9.08 -12.87
C ASP A 144 23.54 8.67 -12.91
N PRO A 145 24.01 8.08 -14.01
CA PRO A 145 25.44 7.70 -14.07
C PRO A 145 26.37 8.88 -14.23
N GLU A 146 25.90 10.01 -14.75
CA GLU A 146 26.76 11.18 -14.88
C GLU A 146 26.95 11.88 -13.53
N LEU A 147 25.86 12.11 -12.81
CA LEU A 147 25.93 12.81 -11.54
C LEU A 147 26.10 11.89 -10.34
N LYS A 148 26.01 10.57 -10.55
CA LYS A 148 26.19 9.58 -9.47
C LYS A 148 25.17 9.81 -8.34
N LEU A 149 23.90 9.92 -8.72
CA LEU A 149 22.82 10.16 -7.77
C LEU A 149 21.68 9.21 -8.03
N ALA A 150 21.10 8.69 -6.95
CA ALA A 150 19.84 7.97 -7.03
C ALA A 150 18.69 8.94 -6.78
N CYS A 151 17.59 8.77 -7.50
CA CYS A 151 16.50 9.72 -7.44
C CYS A 151 15.17 8.99 -7.45
N ASP A 152 14.32 9.30 -6.48
CA ASP A 152 12.91 8.93 -6.47
C ASP A 152 12.09 10.17 -6.74
N MET A 153 11.13 10.07 -7.67
CA MET A 153 10.33 11.23 -8.02
C MET A 153 8.86 10.85 -8.15
N ASN A 154 7.99 11.77 -7.73
CA ASN A 154 6.55 11.64 -7.88
C ASN A 154 6.00 12.90 -8.51
N VAL A 155 4.71 12.86 -8.85
CA VAL A 155 4.06 13.94 -9.59
C VAL A 155 2.90 14.47 -8.75
N ASN A 156 2.93 15.78 -8.48
CA ASN A 156 1.84 16.50 -7.83
C ASN A 156 1.55 15.97 -6.41
N ASN A 157 2.58 15.53 -5.72
CA ASN A 157 2.48 15.13 -4.31
C ASN A 157 2.74 16.35 -3.43
N THR A 158 1.75 17.26 -3.43
CA THR A 158 1.90 18.52 -2.71
C THR A 158 1.92 18.33 -1.21
N LEU A 159 1.39 17.21 -0.70
CA LEU A 159 1.47 16.93 0.73
C LEU A 159 2.92 16.72 1.16
N ALA A 160 3.73 16.08 0.32
CA ALA A 160 5.13 15.86 0.65
C ALA A 160 5.89 17.17 0.73
N LEU A 161 5.58 18.12 -0.16
CA LEU A 161 6.24 19.41 -0.13
C LEU A 161 5.88 20.19 1.13
N GLU A 162 4.64 20.05 1.61
CA GLU A 162 4.22 20.83 2.76
C GLU A 162 4.83 20.29 4.05
N ASN A 163 4.81 18.97 4.25
CA ASN A 163 5.40 18.46 5.48
C ASN A 163 6.92 18.48 5.44
N THR A 164 7.52 18.52 4.25
CA THR A 164 8.94 18.83 4.15
C THR A 164 9.20 20.26 4.62
N ARG A 165 8.34 21.20 4.21
CA ARG A 165 8.46 22.57 4.69
C ARG A 165 8.23 22.65 6.20
N MET A 166 7.39 21.78 6.75
CA MET A 166 7.18 21.75 8.19
C MET A 166 8.41 21.25 8.93
N VAL A 167 9.04 20.18 8.42
CA VAL A 167 10.25 19.66 9.04
C VAL A 167 11.36 20.70 8.97
N ARG A 168 11.51 21.36 7.81
CA ARG A 168 12.54 22.38 7.66
C ARG A 168 12.34 23.52 8.66
N THR A 169 11.08 23.90 8.91
CA THR A 169 10.81 24.92 9.91
C THR A 169 11.23 24.47 11.30
N TYR A 170 10.91 23.23 11.66
CA TYR A 170 11.32 22.70 12.96
C TYR A 170 12.84 22.67 13.10
N VAL A 171 13.54 22.29 12.03
CA VAL A 171 15.00 22.25 12.08
C VAL A 171 15.59 23.64 12.25
N SER A 172 14.92 24.66 11.70
CA SER A 172 15.41 26.03 11.75
C SER A 172 15.17 26.71 13.09
N ILE A 173 14.35 26.12 13.97
CA ILE A 173 13.97 26.80 15.20
C ILE A 173 15.09 26.74 16.23
N ASP A 174 15.73 25.58 16.38
CA ASP A 174 16.77 25.38 17.38
C ASP A 174 17.98 24.74 16.72
N ASP A 175 19.17 25.30 16.99
CA ASP A 175 20.38 24.86 16.32
C ASP A 175 20.85 23.47 16.73
N ARG A 176 20.24 22.89 17.77
CA ARG A 176 20.54 21.52 18.17
C ARG A 176 19.77 20.48 17.39
N VAL A 177 18.71 20.89 16.69
CA VAL A 177 17.84 19.91 16.02
C VAL A 177 18.56 19.27 14.84
N ARG A 178 19.23 20.07 14.02
CA ARG A 178 19.88 19.52 12.83
C ARG A 178 20.95 18.49 13.17
N PRO A 179 21.93 18.76 14.04
CA PRO A 179 22.89 17.70 14.37
C PRO A 179 22.26 16.51 15.08
N LEU A 180 21.28 16.76 15.96
CA LEU A 180 20.63 15.65 16.64
C LEU A 180 19.87 14.77 15.67
N ALA A 181 19.10 15.38 14.76
CA ALA A 181 18.30 14.59 13.84
C ALA A 181 19.16 13.87 12.82
N MET A 182 20.25 14.49 12.37
CA MET A 182 21.10 13.83 11.38
C MET A 182 21.84 12.65 11.98
N ILE A 183 22.28 12.77 13.24
CA ILE A 183 22.95 11.65 13.90
C ILE A 183 21.98 10.51 14.15
N ILE A 184 20.74 10.82 14.57
CA ILE A 184 19.76 9.78 14.79
C ILE A 184 19.38 9.11 13.47
N LYS A 185 19.20 9.89 12.40
CA LYS A 185 18.94 9.31 11.09
C LYS A 185 20.09 8.39 10.66
N TYR A 186 21.33 8.82 10.93
CA TYR A 186 22.49 7.97 10.64
C TYR A 186 22.39 6.66 11.43
N TRP A 187 21.94 6.73 12.68
CA TRP A 187 21.76 5.53 13.48
C TRP A 187 20.70 4.61 12.87
N THR A 188 19.61 5.19 12.36
CA THR A 188 18.58 4.37 11.74
C THR A 188 19.08 3.67 10.48
N ARG A 189 19.99 4.32 9.74
CA ARG A 189 20.51 3.70 8.54
C ARG A 189 21.52 2.60 8.89
N ARG A 190 22.39 2.85 9.87
CA ARG A 190 23.36 1.85 10.26
C ARG A 190 22.70 0.61 10.83
N ARG A 191 21.65 0.79 11.65
CA ARG A 191 20.92 -0.34 12.20
C ARG A 191 19.90 -0.91 11.23
N VAL A 192 19.70 -0.27 10.07
CA VAL A 192 18.72 -0.68 9.07
C VAL A 192 17.36 -0.83 9.72
N VAL A 193 16.86 0.25 10.32
CA VAL A 193 15.52 0.27 10.90
C VAL A 193 14.73 1.41 10.25
N ASN A 194 15.10 1.74 9.01
CA ASN A 194 14.49 2.85 8.29
C ASN A 194 13.86 2.39 6.98
N ASP A 195 13.42 1.14 6.91
CA ASP A 195 12.83 0.57 5.70
C ASP A 195 11.39 0.17 6.01
N ALA A 196 10.46 1.10 5.78
CA ALA A 196 9.05 0.83 5.99
C ALA A 196 8.39 0.09 4.83
N ALA A 197 9.06 0.03 3.67
CA ALA A 197 8.47 -0.61 2.50
C ALA A 197 8.72 -2.11 2.51
N PHE A 198 9.95 -2.54 2.76
CA PHE A 198 10.32 -3.94 2.66
C PHE A 198 10.84 -4.53 3.97
N GLY A 199 11.45 -3.73 4.83
CA GLY A 199 11.97 -4.26 6.09
C GLY A 199 10.98 -4.33 7.22
N GLY A 200 9.80 -3.72 7.06
CA GLY A 200 8.83 -3.73 8.12
C GLY A 200 9.16 -2.83 9.28
N THR A 201 10.09 -1.90 9.10
CA THR A 201 10.39 -0.93 10.15
C THR A 201 9.72 0.40 9.84
N LEU A 202 10.37 1.50 10.23
CA LEU A 202 9.77 2.83 10.23
C LEU A 202 10.38 3.70 9.14
N SER A 203 9.54 4.56 8.56
CA SER A 203 10.02 5.42 7.50
C SER A 203 10.90 6.54 8.06
N SER A 204 11.68 7.15 7.16
CA SER A 204 12.49 8.30 7.54
C SER A 204 11.62 9.41 8.14
N TYR A 205 10.42 9.61 7.60
CA TYR A 205 9.52 10.64 8.12
C TYR A 205 8.97 10.26 9.49
N THR A 206 8.74 8.96 9.71
CA THR A 206 8.28 8.51 11.02
C THR A 206 9.32 8.79 12.10
N TRP A 207 10.59 8.56 11.79
CA TRP A 207 11.66 8.79 12.76
C TRP A 207 11.81 10.27 13.08
N ILE A 208 11.68 11.13 12.07
CA ILE A 208 11.78 12.57 12.30
C ILE A 208 10.64 13.05 13.19
N CYS A 209 9.44 12.49 13.00
CA CYS A 209 8.32 12.86 13.86
C CYS A 209 8.56 12.41 15.30
N MET A 210 9.15 11.22 15.48
CA MET A 210 9.48 10.76 16.82
C MET A 210 10.54 11.64 17.46
N ILE A 211 11.47 12.18 16.68
CA ILE A 211 12.47 13.11 17.21
C ILE A 211 11.81 14.41 17.63
N ILE A 212 10.98 14.98 16.76
CA ILE A 212 10.31 16.24 17.06
C ILE A 212 9.41 16.08 18.28
N ALA A 213 8.64 15.00 18.33
CA ALA A 213 7.76 14.75 19.47
C ALA A 213 8.54 14.68 20.77
N PHE A 214 9.70 14.00 20.75
CA PHE A 214 10.56 13.95 21.92
C PHE A 214 11.00 15.36 22.33
N LEU A 215 11.41 16.17 21.35
CA LEU A 215 11.85 17.53 21.66
C LEU A 215 10.71 18.41 22.17
N GLN A 216 9.48 18.17 21.70
CA GLN A 216 8.35 18.95 22.20
C GLN A 216 8.03 18.63 23.65
N LEU A 217 8.30 17.39 24.09
CA LEU A 217 7.94 16.93 25.41
C LEU A 217 9.03 17.18 26.45
N ARG A 218 10.18 17.74 26.06
CA ARG A 218 11.18 18.11 27.04
C ARG A 218 10.64 19.20 27.97
N ASP A 219 11.28 19.33 29.13
CA ASP A 219 10.91 20.33 30.13
C ASP A 219 12.16 21.08 30.55
N PRO A 220 12.37 22.31 30.03
CA PRO A 220 11.53 23.02 29.06
C PRO A 220 11.60 22.43 27.66
N PRO A 221 10.61 22.71 26.82
CA PRO A 221 10.59 22.11 25.48
C PRO A 221 11.61 22.76 24.56
N VAL A 222 12.20 21.94 23.69
CA VAL A 222 13.12 22.45 22.67
C VAL A 222 12.34 22.98 21.47
N LEU A 223 11.26 22.30 21.10
CA LEU A 223 10.46 22.67 19.95
C LEU A 223 9.02 22.95 20.38
N PRO A 224 8.33 23.88 19.69
CA PRO A 224 6.92 24.12 19.99
C PRO A 224 6.00 23.19 19.20
N ALA A 225 4.70 23.45 19.26
CA ALA A 225 3.70 22.77 18.45
C ALA A 225 3.25 23.75 17.38
N LEU A 226 3.91 23.67 16.21
CA LEU A 226 3.68 24.68 15.18
C LEU A 226 2.25 24.69 14.68
N HIS A 227 1.58 23.53 14.68
CA HIS A 227 0.19 23.48 14.24
C HIS A 227 -0.75 24.19 15.21
N GLN A 228 -0.36 24.35 16.47
CA GLN A 228 -1.19 25.00 17.46
C GLN A 228 -0.82 26.48 17.69
N GLN A 229 0.31 26.94 17.13
CA GLN A 229 0.72 28.34 17.27
C GLN A 229 0.01 29.16 16.19
N HIS A 230 -1.27 29.47 16.46
CA HIS A 230 -2.10 30.12 15.46
C HIS A 230 -1.59 31.53 15.15
N ASP A 231 -1.10 32.25 16.16
CA ASP A 231 -0.68 33.63 15.94
C ASP A 231 0.62 33.74 15.17
N LEU A 232 1.29 32.63 14.87
CA LEU A 232 2.57 32.64 14.18
C LEU A 232 2.48 32.09 12.76
N LYS A 233 1.27 31.92 12.23
CA LYS A 233 1.09 31.35 10.90
C LYS A 233 1.02 32.46 9.85
N LEU A 234 1.69 32.22 8.72
CA LEU A 234 1.72 33.17 7.63
C LEU A 234 0.75 32.74 6.53
N VAL A 235 0.42 33.70 5.65
CA VAL A 235 -0.40 33.42 4.48
C VAL A 235 0.49 32.84 3.40
N LYS A 236 0.19 31.62 2.97
CA LYS A 236 0.95 30.99 1.91
C LYS A 236 0.70 31.72 0.58
N GLN A 237 1.51 31.38 -0.42
CA GLN A 237 1.40 32.05 -1.70
C GLN A 237 0.14 31.66 -2.47
N ASP A 238 -0.60 30.66 -2.02
CA ASP A 238 -1.89 30.34 -2.60
C ASP A 238 -3.03 31.12 -1.96
N GLY A 239 -2.73 32.05 -1.06
CA GLY A 239 -3.73 32.85 -0.39
C GLY A 239 -4.29 32.25 0.89
N ALA A 240 -3.92 31.01 1.22
CA ALA A 240 -4.42 30.34 2.41
C ALA A 240 -3.44 30.44 3.55
N LEU A 241 -3.97 30.40 4.78
CA LEU A 241 -3.13 30.40 5.96
C LEU A 241 -2.42 29.06 6.09
N SER A 242 -1.14 29.12 6.47
CA SER A 242 -0.39 27.89 6.69
C SER A 242 -0.99 27.08 7.83
N ASP A 243 -1.02 25.75 7.65
CA ASP A 243 -1.55 24.88 8.69
C ASP A 243 -0.72 24.96 9.97
N PHE A 244 0.56 25.30 9.85
CA PHE A 244 1.48 25.33 10.97
C PHE A 244 2.18 26.68 11.01
N ALA A 245 2.69 27.02 12.19
CA ALA A 245 3.45 28.26 12.35
C ALA A 245 4.76 28.18 11.57
N ASP A 246 5.00 29.20 10.74
CA ASP A 246 6.16 29.18 9.85
C ASP A 246 6.94 30.48 9.84
N ASP A 247 6.62 31.43 10.72
CA ASP A 247 7.37 32.68 10.84
C ASP A 247 8.69 32.37 11.53
N ILE A 248 9.67 31.92 10.72
CA ILE A 248 10.90 31.35 11.28
C ILE A 248 11.69 32.35 12.13
N PRO A 249 11.99 33.56 11.66
CA PRO A 249 12.78 34.48 12.51
C PRO A 249 12.10 34.81 13.82
N LYS A 250 10.77 34.81 13.87
CA LYS A 250 10.05 35.01 15.12
C LYS A 250 9.95 33.72 15.93
N LEU A 251 10.10 32.57 15.29
CA LEU A 251 10.09 31.30 16.02
C LEU A 251 11.46 30.93 16.58
N ARG A 252 12.53 31.44 15.97
CA ARG A 252 13.88 31.08 16.39
C ARG A 252 14.11 31.44 17.85
N GLY A 253 14.84 30.58 18.54
CA GLY A 253 15.13 30.78 19.95
C GLY A 253 14.10 30.22 20.90
N PHE A 254 13.08 29.52 20.40
CA PHE A 254 12.01 29.04 21.27
C PHE A 254 12.56 28.06 22.31
N GLY A 255 13.52 27.23 21.94
CA GLY A 255 14.07 26.23 22.83
C GLY A 255 15.25 26.69 23.67
N ALA A 256 15.58 27.99 23.65
CA ALA A 256 16.74 28.47 24.39
C ALA A 256 16.61 28.26 25.89
N LYS A 257 15.38 28.12 26.41
CA LYS A 257 15.20 27.85 27.83
C LYS A 257 15.72 26.47 28.20
N ASN A 258 15.69 25.52 27.26
CA ASN A 258 16.29 24.21 27.51
C ASN A 258 17.80 24.33 27.33
N LYS A 259 18.56 23.99 28.38
CA LYS A 259 20.00 24.17 28.41
C LYS A 259 20.76 22.87 28.17
N ASP A 260 20.08 21.79 27.84
CA ASP A 260 20.75 20.50 27.68
C ASP A 260 21.53 20.45 26.37
N SER A 261 22.70 19.83 26.42
CA SER A 261 23.60 19.77 25.27
C SER A 261 23.14 18.71 24.28
N LEU A 262 23.82 18.68 23.13
CA LEU A 262 23.59 17.64 22.14
C LEU A 262 23.77 16.25 22.72
N ALA A 263 24.82 16.05 23.53
CA ALA A 263 25.08 14.75 24.12
C ALA A 263 23.94 14.33 25.05
N VAL A 264 23.43 15.25 25.85
CA VAL A 264 22.35 14.93 26.78
C VAL A 264 21.07 14.61 26.00
N LEU A 265 20.80 15.35 24.91
CA LEU A 265 19.58 15.12 24.16
C LEU A 265 19.59 13.76 23.48
N LEU A 266 20.73 13.34 22.92
CA LEU A 266 20.82 12.00 22.36
C LEU A 266 20.57 10.95 23.44
N PHE A 267 21.18 11.15 24.61
CA PHE A 267 20.94 10.24 25.73
C PHE A 267 19.48 10.23 26.12
N GLN A 268 18.85 11.40 26.20
CA GLN A 268 17.45 11.46 26.61
C GLN A 268 16.52 10.92 25.54
N PHE A 269 16.87 11.12 24.25
CA PHE A 269 16.05 10.57 23.18
C PHE A 269 15.93 9.05 23.31
N PHE A 270 17.08 8.37 23.45
CA PHE A 270 17.06 6.92 23.58
C PHE A 270 16.46 6.50 24.91
N ARG A 271 16.73 7.24 25.98
CA ARG A 271 16.14 6.91 27.28
C ARG A 271 14.62 7.04 27.23
N PHE A 272 14.12 8.07 26.54
CA PHE A 272 12.68 8.27 26.45
C PHE A 272 12.01 7.10 25.76
N TYR A 273 12.52 6.70 24.59
CA TYR A 273 11.89 5.63 23.82
C TYR A 273 12.27 4.24 24.32
N ALA A 274 13.36 4.10 25.08
CA ALA A 274 13.71 2.78 25.58
C ALA A 274 12.92 2.40 26.83
N HIS A 275 12.70 3.36 27.74
CA HIS A 275 12.15 3.03 29.05
C HIS A 275 11.02 3.95 29.50
N GLU A 276 11.10 5.22 29.14
CA GLU A 276 10.15 6.19 29.69
C GLU A 276 8.79 6.14 28.99
N PHE A 277 8.78 6.05 27.67
CA PHE A 277 7.54 6.18 26.91
C PHE A 277 6.71 4.91 27.01
N ASP A 278 5.42 5.09 27.33
CA ASP A 278 4.47 3.98 27.44
C ASP A 278 3.85 3.76 26.06
N TYR A 279 4.44 2.83 25.31
CA TYR A 279 3.99 2.57 23.94
C TYR A 279 2.57 2.04 23.91
N ASP A 280 2.12 1.37 24.97
CA ASP A 280 0.81 0.73 24.97
C ASP A 280 -0.33 1.74 25.07
N LYS A 281 -0.13 2.85 25.76
CA LYS A 281 -1.20 3.78 26.06
C LYS A 281 -1.26 4.98 25.12
N TYR A 282 -0.12 5.55 24.74
CA TYR A 282 -0.08 6.89 24.18
C TYR A 282 0.19 6.90 22.68
N THR A 283 -0.26 7.99 22.05
CA THR A 283 0.04 8.31 20.66
C THR A 283 0.89 9.56 20.62
N LEU A 284 2.00 9.51 19.90
CA LEU A 284 2.88 10.67 19.76
C LEU A 284 2.34 11.58 18.66
N SER A 285 2.10 12.85 18.99
CA SER A 285 1.46 13.80 18.08
C SER A 285 2.25 15.11 18.06
N ILE A 286 3.06 15.30 17.02
CA ILE A 286 3.75 16.58 16.86
C ILE A 286 2.78 17.67 16.44
N ARG A 287 1.59 17.29 15.94
CA ARG A 287 0.54 18.27 15.67
C ARG A 287 0.12 18.97 16.95
N MET A 288 -0.18 18.20 18.00
CA MET A 288 -0.64 18.78 19.26
C MET A 288 0.49 19.25 20.15
N GLY A 289 1.67 18.63 20.04
CA GLY A 289 2.75 18.89 20.96
C GLY A 289 2.57 18.29 22.34
N THR A 290 1.50 17.54 22.57
CA THR A 290 1.25 16.83 23.81
C THR A 290 0.93 15.38 23.46
N LEU A 291 0.91 14.53 24.48
CA LEU A 291 0.59 13.13 24.27
C LEU A 291 -0.91 12.93 24.17
N LEU A 292 -1.33 12.10 23.22
CA LEU A 292 -2.70 11.65 23.10
C LEU A 292 -2.75 10.16 23.42
N THR A 293 -3.88 9.70 23.93
CA THR A 293 -4.06 8.27 24.12
C THR A 293 -4.53 7.63 22.83
N LYS A 294 -4.25 6.33 22.69
CA LYS A 294 -4.80 5.58 21.58
C LYS A 294 -6.32 5.52 21.65
N ALA A 295 -6.87 5.49 22.86
CA ALA A 295 -8.31 5.32 23.02
C ALA A 295 -9.08 6.54 22.55
N GLU A 296 -8.56 7.75 22.79
CA GLU A 296 -9.27 8.93 22.36
C GLU A 296 -9.21 9.14 20.85
N LYS A 297 -8.35 8.41 20.13
CA LYS A 297 -8.36 8.40 18.68
C LYS A 297 -8.98 7.14 18.11
N ASN A 298 -9.53 6.28 18.96
CA ASN A 298 -10.04 4.95 18.56
C ASN A 298 -8.96 4.09 17.93
N TRP A 299 -7.70 4.34 18.29
CA TRP A 299 -6.58 3.63 17.68
C TRP A 299 -6.23 2.33 18.41
N GLN A 300 -6.99 1.96 19.44
CA GLN A 300 -6.81 0.62 20.00
C GLN A 300 -7.34 -0.46 19.07
N TYR A 301 -8.03 -0.08 17.98
CA TYR A 301 -8.54 -1.03 17.00
C TYR A 301 -7.65 -1.15 15.77
N LEU A 302 -6.68 -0.25 15.61
CA LEU A 302 -5.79 -0.31 14.46
C LEU A 302 -4.94 -1.56 14.50
N VAL A 303 -4.86 -2.27 13.38
CA VAL A 303 -3.82 -3.27 13.20
C VAL A 303 -2.48 -2.56 13.11
N ASN A 304 -1.46 -3.15 13.72
CA ASN A 304 -0.13 -2.55 13.80
C ASN A 304 -0.19 -1.21 14.53
N ASN A 305 -0.63 -1.26 15.79
CA ASN A 305 -0.73 -0.06 16.62
C ASN A 305 0.16 -0.13 17.85
N ALA A 306 1.11 -1.07 17.90
CA ALA A 306 2.04 -1.11 19.02
C ALA A 306 2.78 0.21 19.16
N LEU A 307 3.11 0.85 18.04
CA LEU A 307 3.67 2.19 18.01
C LEU A 307 2.72 3.08 17.23
N CYS A 308 2.19 4.10 17.89
CA CYS A 308 1.27 5.06 17.27
C CYS A 308 1.95 6.41 17.16
N VAL A 309 2.20 6.84 15.93
CA VAL A 309 2.78 8.15 15.63
C VAL A 309 1.85 8.83 14.66
N GLU A 310 1.19 9.89 15.11
CA GLU A 310 0.17 10.57 14.32
C GLU A 310 0.83 11.44 13.25
N GLU A 311 0.41 11.26 12.00
CA GLU A 311 0.85 12.16 10.94
C GLU A 311 0.20 13.52 11.14
N PRO A 312 0.98 14.61 11.14
CA PRO A 312 0.42 15.91 11.56
C PRO A 312 -0.63 16.47 10.62
N PHE A 313 -0.52 16.25 9.31
CA PHE A 313 -1.49 16.81 8.37
C PHE A 313 -2.69 15.89 8.14
N ASN A 314 -2.62 14.64 8.58
CA ASN A 314 -3.74 13.68 8.49
C ASN A 314 -3.76 12.91 9.80
N ASP A 315 -4.48 13.43 10.79
CA ASP A 315 -4.48 12.82 12.12
C ASP A 315 -5.16 11.46 12.14
N GLY A 316 -5.78 11.02 11.05
CA GLY A 316 -6.33 9.70 10.96
C GLY A 316 -5.37 8.62 10.50
N ARG A 317 -4.09 8.95 10.32
CA ARG A 317 -3.10 8.02 9.78
C ARG A 317 -1.99 7.82 10.81
N ASN A 318 -1.65 6.56 11.07
CA ASN A 318 -0.59 6.21 12.00
C ASN A 318 0.67 5.88 11.19
N LEU A 319 1.71 6.70 11.35
CA LEU A 319 2.94 6.47 10.61
C LEU A 319 3.61 5.16 11.02
N GLY A 320 3.32 4.68 12.22
CA GLY A 320 3.94 3.46 12.70
C GLY A 320 3.18 2.21 12.33
N ASN A 321 2.28 2.31 11.35
CA ASN A 321 1.48 1.17 10.92
C ASN A 321 2.28 0.18 10.08
N THR A 322 3.52 0.51 9.73
CA THR A 322 4.36 -0.40 8.97
C THR A 322 5.07 -1.41 9.86
N ALA A 323 4.88 -1.35 11.17
CA ALA A 323 5.57 -2.22 12.13
C ALA A 323 4.55 -3.11 12.81
N ASP A 324 4.63 -4.41 12.57
CA ASP A 324 3.77 -5.35 13.29
C ASP A 324 4.33 -5.60 14.69
N GLU A 325 3.68 -6.49 15.42
CA GLU A 325 4.06 -6.69 16.82
C GLU A 325 5.45 -7.29 16.95
N THR A 326 5.85 -8.15 16.02
CA THR A 326 7.21 -8.67 16.06
C THR A 326 8.23 -7.59 15.70
N SER A 327 7.94 -6.80 14.66
CA SER A 327 8.85 -5.73 14.26
C SER A 327 9.01 -4.71 15.38
N PHE A 328 7.92 -4.40 16.09
CA PHE A 328 8.03 -3.43 17.16
C PHE A 328 8.89 -3.95 18.31
N ARG A 329 8.79 -5.25 18.61
CA ARG A 329 9.63 -5.81 19.66
C ARG A 329 11.10 -5.68 19.30
N GLY A 330 11.45 -5.95 18.04
CA GLY A 330 12.83 -5.75 17.61
C GLY A 330 13.23 -4.28 17.60
N LEU A 331 12.31 -3.40 17.19
CA LEU A 331 12.59 -1.97 17.22
C LEU A 331 12.80 -1.49 18.65
N HIS A 332 12.01 -2.00 19.59
CA HIS A 332 12.18 -1.62 20.99
C HIS A 332 13.50 -2.14 21.54
N MET A 333 13.94 -3.33 21.11
CA MET A 333 15.23 -3.83 21.54
C MET A 333 16.37 -2.94 21.04
N GLU A 334 16.28 -2.50 19.77
CA GLU A 334 17.31 -1.63 19.22
C GLU A 334 17.40 -0.31 19.98
N LEU A 335 16.25 0.25 20.37
CA LEU A 335 16.25 1.50 21.13
C LEU A 335 16.82 1.31 22.53
N ARG A 336 16.57 0.14 23.15
CA ARG A 336 17.19 -0.14 24.43
C ARG A 336 18.67 -0.46 24.26
N ARG A 337 19.02 -1.18 23.19
CA ARG A 337 20.44 -1.36 22.85
C ARG A 337 21.14 -0.02 22.69
N ALA A 338 20.50 0.91 21.96
CA ALA A 338 21.10 2.22 21.75
C ALA A 338 21.23 2.99 23.07
N PHE A 339 20.22 2.88 23.95
CA PHE A 339 20.28 3.60 25.21
C PHE A 339 21.43 3.12 26.09
N ASP A 340 21.65 1.80 26.14
CA ASP A 340 22.71 1.26 26.98
C ASP A 340 24.08 1.72 26.51
N LEU A 341 24.27 1.83 25.19
CA LEU A 341 25.57 2.21 24.66
C LEU A 341 25.80 3.71 24.77
N ILE A 342 24.76 4.51 24.52
CA ILE A 342 24.91 5.96 24.63
C ILE A 342 25.07 6.38 26.09
N ALA A 343 24.40 5.67 27.01
CA ALA A 343 24.59 5.94 28.44
C ALA A 343 26.04 5.82 28.87
N GLU A 344 26.86 5.08 28.11
CA GLU A 344 28.29 4.99 28.38
C GLU A 344 29.12 5.74 27.34
N GLY A 345 28.49 6.57 26.51
CA GLY A 345 29.22 7.34 25.52
C GLY A 345 29.73 6.57 24.33
N LYS A 346 29.26 5.33 24.12
CA LYS A 346 29.77 4.47 23.05
C LYS A 346 28.99 4.77 21.77
N LEU A 347 29.33 5.91 21.15
CA LEU A 347 28.62 6.32 19.94
C LEU A 347 28.95 5.42 18.76
N GLU A 348 30.21 4.98 18.64
CA GLU A 348 30.59 4.15 17.51
C GLU A 348 29.92 2.78 17.58
N GLU A 349 29.90 2.17 18.76
CA GLU A 349 29.24 0.88 18.90
C GLU A 349 27.73 0.99 18.72
N CYS A 350 27.14 2.11 19.16
CA CYS A 350 25.71 2.32 18.92
C CYS A 350 25.38 2.32 17.44
N CYS A 351 26.30 2.80 16.60
CA CYS A 351 26.07 2.91 15.17
C CYS A 351 26.72 1.78 14.39
N GLU A 352 26.98 0.64 15.03
CA GLU A 352 27.51 -0.52 14.33
C GLU A 352 26.60 -0.87 13.17
N GLN A 353 27.21 -1.15 12.01
CA GLN A 353 26.46 -1.44 10.80
C GLN A 353 25.80 -2.82 10.90
N TYR A 354 24.48 -2.85 10.88
CA TYR A 354 23.77 -4.13 10.85
C TYR A 354 23.95 -4.80 9.49
N VAL A 355 24.06 -6.12 9.51
CA VAL A 355 24.20 -6.91 8.30
C VAL A 355 23.19 -8.06 8.36
N PHE A 356 22.50 -8.29 7.25
CA PHE A 356 21.47 -9.33 7.22
C PHE A 356 22.11 -10.70 7.21
N PRO A 357 21.53 -11.68 7.90
CA PRO A 357 22.04 -13.05 7.85
C PRO A 357 21.90 -13.64 6.46
N LYS A 358 22.84 -14.52 6.12
CA LYS A 358 22.84 -15.17 4.82
C LYS A 358 21.81 -16.30 4.77
N ARG B 8 4.13 -16.19 5.65
CA ARG B 8 2.82 -16.33 5.04
C ARG B 8 2.93 -16.40 3.52
N ARG B 9 4.15 -16.61 3.04
CA ARG B 9 4.39 -16.63 1.59
C ARG B 9 3.87 -17.91 0.96
N ARG B 10 3.20 -17.77 -0.17
CA ARG B 10 2.67 -18.95 -0.88
C ARG B 10 3.72 -19.58 -1.78
N MET B 11 4.50 -18.77 -2.48
CA MET B 11 5.53 -19.27 -3.39
C MET B 11 6.90 -18.97 -2.81
N PRO B 12 7.61 -19.96 -2.26
CA PRO B 12 8.86 -19.66 -1.56
C PRO B 12 9.98 -19.30 -2.53
N TYR B 13 11.01 -18.65 -1.98
CA TYR B 13 12.15 -18.20 -2.76
C TYR B 13 12.99 -19.36 -3.31
N SER B 14 12.75 -20.59 -2.86
CA SER B 14 13.47 -21.73 -3.41
C SER B 14 13.11 -21.96 -4.88
N LEU B 15 11.95 -21.47 -5.32
CA LEU B 15 11.53 -21.66 -6.70
C LEU B 15 12.39 -20.89 -7.69
N GLY B 16 13.05 -19.82 -7.25
CA GLY B 16 13.85 -19.04 -8.17
C GLY B 16 13.02 -18.02 -8.92
N THR B 17 13.51 -17.63 -10.10
CA THR B 17 12.85 -16.63 -10.91
C THR B 17 12.71 -17.00 -12.39
N ASP B 18 13.25 -18.14 -12.81
CA ASP B 18 13.25 -18.48 -14.23
C ASP B 18 11.84 -18.54 -14.78
N LYS B 19 11.65 -18.00 -15.98
CA LYS B 19 10.39 -18.15 -16.70
C LYS B 19 10.22 -19.61 -17.12
N LEU B 20 8.97 -20.04 -17.19
CA LEU B 20 8.68 -21.40 -17.63
C LEU B 20 8.95 -21.54 -19.13
N GLU B 21 9.49 -22.69 -19.51
CA GLU B 21 9.84 -22.91 -20.91
C GLU B 21 8.58 -23.10 -21.76
N LYS B 22 8.59 -22.55 -22.96
CA LYS B 22 7.51 -22.76 -23.90
C LYS B 22 7.55 -24.21 -24.41
N VAL B 23 6.45 -24.91 -24.27
CA VAL B 23 6.37 -26.31 -24.68
C VAL B 23 5.96 -26.37 -26.14
N ASP B 24 6.48 -27.38 -26.84
CA ASP B 24 6.12 -27.64 -28.21
C ASP B 24 4.59 -27.75 -28.33
N PRO B 25 3.96 -27.08 -29.29
CA PRO B 25 2.49 -27.01 -29.28
C PRO B 25 1.80 -28.34 -29.51
N ASP B 26 2.34 -29.21 -30.37
CA ASP B 26 1.75 -30.53 -30.57
C ASP B 26 2.23 -31.56 -29.55
N LYS B 27 2.80 -31.10 -28.43
CA LYS B 27 2.94 -31.91 -27.22
C LYS B 27 1.85 -31.60 -26.21
N ILE B 28 1.05 -30.56 -26.45
CA ILE B 28 0.04 -30.07 -25.53
C ILE B 28 -1.33 -30.44 -26.10
N LYS B 29 -2.17 -31.07 -25.28
CA LYS B 29 -3.48 -31.51 -25.74
C LYS B 29 -4.29 -30.33 -26.24
N SER B 30 -4.79 -30.44 -27.47
CA SER B 30 -5.51 -29.34 -28.09
C SER B 30 -6.97 -29.26 -27.63
N LYS B 31 -7.59 -30.40 -27.36
CA LYS B 31 -9.01 -30.40 -26.98
C LYS B 31 -9.32 -31.66 -26.21
N LEU B 32 -10.40 -31.59 -25.43
CA LEU B 32 -10.81 -32.71 -24.59
C LEU B 32 -11.35 -33.86 -25.43
N SER B 33 -11.22 -35.07 -24.89
CA SER B 33 -11.88 -36.22 -25.47
C SER B 33 -13.37 -36.17 -25.17
N GLU B 34 -14.14 -37.02 -25.86
CA GLU B 34 -15.58 -37.00 -25.70
C GLU B 34 -15.99 -37.44 -24.29
N ASP B 35 -15.47 -38.59 -23.83
CA ASP B 35 -15.86 -39.09 -22.52
C ASP B 35 -15.33 -38.20 -21.40
N VAL B 36 -14.12 -37.65 -21.58
CA VAL B 36 -13.57 -36.76 -20.56
C VAL B 36 -14.39 -35.49 -20.46
N GLU B 37 -14.90 -35.00 -21.59
CA GLU B 37 -15.69 -33.77 -21.58
C GLU B 37 -17.06 -34.01 -20.94
N ARG B 38 -17.69 -35.15 -21.28
CA ARG B 38 -19.04 -35.42 -20.77
C ARG B 38 -19.03 -35.53 -19.25
N LYS B 39 -18.04 -36.22 -18.68
CA LYS B 39 -17.99 -36.36 -17.23
C LYS B 39 -17.56 -35.06 -16.57
N LEU B 40 -16.65 -34.31 -17.20
CA LEU B 40 -16.23 -33.02 -16.66
C LEU B 40 -17.39 -32.03 -16.67
N GLU B 41 -18.18 -32.03 -17.74
CA GLU B 41 -19.38 -31.19 -17.76
C GLU B 41 -20.35 -31.60 -16.67
N THR B 42 -20.43 -32.90 -16.38
CA THR B 42 -21.28 -33.38 -15.30
C THR B 42 -20.72 -32.96 -13.94
N ASP B 43 -19.41 -33.15 -13.74
CA ASP B 43 -18.81 -32.85 -12.44
C ASP B 43 -18.80 -31.35 -12.16
N MET B 44 -18.57 -30.53 -13.19
CA MET B 44 -18.57 -29.08 -13.01
C MET B 44 -19.95 -28.59 -12.59
N ARG B 45 -21.01 -29.07 -13.28
CA ARG B 45 -22.35 -28.64 -12.95
C ARG B 45 -22.78 -29.11 -11.56
N GLU B 46 -22.33 -30.31 -11.15
CA GLU B 46 -22.61 -30.76 -9.80
C GLU B 46 -21.90 -29.89 -8.76
N LEU B 47 -20.64 -29.54 -9.04
CA LEU B 47 -19.91 -28.64 -8.16
C LEU B 47 -20.51 -27.24 -8.14
N TYR B 48 -21.08 -26.80 -9.26
CA TYR B 48 -21.66 -25.46 -9.34
C TYR B 48 -22.85 -25.32 -8.41
N ASP B 49 -23.64 -26.38 -8.25
CA ASP B 49 -24.81 -26.31 -7.38
C ASP B 49 -24.44 -26.34 -5.91
N ARG B 50 -23.32 -26.99 -5.55
CA ARG B 50 -22.86 -26.93 -4.17
C ARG B 50 -22.11 -25.64 -3.87
N LEU B 51 -21.68 -24.91 -4.90
CA LEU B 51 -21.06 -23.60 -4.72
C LEU B 51 -22.07 -22.47 -4.67
N LEU B 52 -23.26 -22.65 -5.26
CA LEU B 52 -24.28 -21.62 -5.25
C LEU B 52 -24.72 -21.33 -3.81
N PRO B 53 -25.09 -20.09 -3.51
CA PRO B 53 -25.51 -19.76 -2.15
C PRO B 53 -26.91 -20.25 -1.86
N THR B 54 -27.15 -20.54 -0.58
CA THR B 54 -28.47 -20.88 -0.09
C THR B 54 -29.18 -19.64 0.42
N GLU B 55 -30.51 -19.61 0.25
CA GLU B 55 -31.28 -18.44 0.63
CA GLU B 55 -31.28 -18.44 0.63
C GLU B 55 -31.23 -18.18 2.13
N ALA B 56 -31.10 -19.24 2.93
CA ALA B 56 -31.05 -19.07 4.38
C ALA B 56 -29.84 -18.23 4.80
N ILE B 57 -28.68 -18.50 4.21
CA ILE B 57 -27.51 -17.66 4.47
C ILE B 57 -27.60 -16.33 3.72
N GLU B 58 -28.33 -16.29 2.60
CA GLU B 58 -28.49 -15.04 1.86
C GLU B 58 -29.30 -14.02 2.65
N VAL B 59 -30.27 -14.47 3.46
CA VAL B 59 -31.01 -13.50 4.27
C VAL B 59 -30.19 -13.10 5.49
N ASN B 60 -29.30 -13.98 5.97
CA ASN B 60 -28.37 -13.56 7.02
C ASN B 60 -27.47 -12.43 6.53
N ARG B 61 -27.17 -12.40 5.22
CA ARG B 61 -26.31 -11.34 4.71
C ARG B 61 -27.08 -10.02 4.58
N ARG B 62 -28.32 -10.07 4.10
CA ARG B 62 -29.12 -8.86 4.04
C ARG B 62 -29.62 -8.41 5.39
N GLU B 63 -29.65 -9.31 6.39
CA GLU B 63 -29.95 -8.90 7.75
C GLU B 63 -28.79 -8.14 8.36
N LEU B 64 -27.55 -8.58 8.09
CA LEU B 64 -26.38 -7.85 8.57
C LEU B 64 -26.33 -6.45 7.97
N VAL B 65 -26.71 -6.33 6.69
CA VAL B 65 -26.76 -5.01 6.06
C VAL B 65 -27.73 -4.10 6.80
N SER B 66 -28.93 -4.59 7.09
CA SER B 66 -29.92 -3.79 7.80
C SER B 66 -29.44 -3.44 9.21
N LYS B 67 -28.85 -4.42 9.91
CA LYS B 67 -28.42 -4.18 11.29
C LYS B 67 -27.33 -3.11 11.34
N LEU B 68 -26.34 -3.21 10.46
CA LEU B 68 -25.27 -2.21 10.41
C LEU B 68 -25.82 -0.84 10.03
N GLU B 69 -26.74 -0.79 9.07
CA GLU B 69 -27.31 0.48 8.65
C GLU B 69 -28.12 1.12 9.78
N ARG B 70 -28.83 0.32 10.57
CA ARG B 70 -29.54 0.85 11.72
C ARG B 70 -28.57 1.40 12.76
N LEU B 71 -27.45 0.70 12.99
CA LEU B 71 -26.50 1.12 14.00
C LEU B 71 -25.84 2.45 13.61
N PHE B 72 -25.45 2.59 12.34
CA PHE B 72 -24.75 3.80 11.91
C PHE B 72 -25.66 5.02 11.97
N ASN B 73 -26.91 4.87 11.53
CA ASN B 73 -27.83 6.00 11.55
C ASN B 73 -28.33 6.33 12.95
N THR B 74 -28.33 5.36 13.86
CA THR B 74 -28.69 5.66 15.24
C THR B 74 -27.56 6.43 15.94
N GLU B 75 -26.31 6.03 15.70
CA GLU B 75 -25.19 6.68 16.37
C GLU B 75 -24.92 8.06 15.79
N TRP B 76 -24.96 8.20 14.47
CA TRP B 76 -24.71 9.48 13.79
C TRP B 76 -25.90 9.80 12.89
N PRO B 77 -27.00 10.26 13.46
CA PRO B 77 -28.19 10.54 12.64
C PRO B 77 -28.02 11.78 11.78
N GLY B 78 -28.73 11.79 10.66
CA GLY B 78 -28.80 12.94 9.79
C GLY B 78 -27.84 12.95 8.62
N HIS B 79 -27.15 11.85 8.35
CA HIS B 79 -26.10 11.82 7.33
C HIS B 79 -26.37 10.82 6.21
N ASP B 80 -27.59 10.28 6.14
CA ASP B 80 -28.00 9.41 5.03
C ASP B 80 -27.04 8.25 4.83
N ILE B 81 -26.63 7.63 5.92
CA ILE B 81 -25.66 6.53 5.86
C ILE B 81 -26.33 5.32 5.22
N ARG B 82 -25.74 4.82 4.15
CA ARG B 82 -26.28 3.68 3.42
C ARG B 82 -25.22 2.59 3.30
N VAL B 83 -25.67 1.33 3.34
CA VAL B 83 -24.79 0.18 3.37
C VAL B 83 -25.04 -0.64 2.10
N HIS B 84 -23.98 -0.89 1.35
CA HIS B 84 -24.08 -1.59 0.08
C HIS B 84 -23.20 -2.83 0.07
N LEU B 85 -23.66 -3.86 -0.61
CA LEU B 85 -22.85 -5.05 -0.87
C LEU B 85 -22.02 -4.83 -2.13
N PHE B 86 -20.74 -5.20 -2.07
CA PHE B 86 -19.86 -5.15 -3.24
C PHE B 86 -19.01 -6.41 -3.26
N GLY B 87 -18.10 -6.47 -4.23
CA GLY B 87 -17.29 -7.67 -4.37
C GLY B 87 -18.15 -8.86 -4.75
N SER B 88 -17.72 -10.05 -4.31
CA SER B 88 -18.49 -11.25 -4.59
C SER B 88 -19.89 -11.18 -4.00
N SER B 89 -20.06 -10.41 -2.92
CA SER B 89 -21.37 -10.23 -2.31
C SER B 89 -22.35 -9.46 -3.21
N GLY B 90 -21.85 -8.79 -4.25
CA GLY B 90 -22.74 -8.02 -5.10
C GLY B 90 -22.58 -8.24 -6.59
N ASN B 91 -21.78 -9.23 -7.00
CA ASN B 91 -21.56 -9.50 -8.42
C ASN B 91 -21.96 -10.92 -8.82
N LEU B 92 -22.78 -11.59 -7.98
CA LEU B 92 -23.33 -12.92 -8.26
C LEU B 92 -22.25 -14.00 -8.26
N LEU B 93 -21.18 -13.83 -7.49
CA LEU B 93 -20.10 -14.81 -7.45
C LEU B 93 -19.75 -15.26 -6.04
N CYS B 94 -20.57 -14.94 -5.04
CA CYS B 94 -20.28 -15.35 -3.68
C CYS B 94 -20.86 -16.73 -3.38
N SER B 95 -20.32 -17.35 -2.34
CA SER B 95 -20.83 -18.61 -1.82
C SER B 95 -21.27 -18.41 -0.38
N ASP B 96 -21.73 -19.50 0.25
CA ASP B 96 -22.20 -19.42 1.62
C ASP B 96 -21.07 -19.05 2.58
N ASP B 97 -19.86 -19.53 2.31
CA ASP B 97 -18.72 -19.26 3.17
C ASP B 97 -17.97 -17.99 2.78
N SER B 98 -18.45 -17.23 1.81
CA SER B 98 -17.79 -16.00 1.42
C SER B 98 -17.99 -14.93 2.49
N ASP B 99 -16.98 -14.06 2.63
CA ASP B 99 -17.13 -12.91 3.50
C ASP B 99 -18.17 -11.96 2.93
N VAL B 100 -18.61 -11.03 3.77
CA VAL B 100 -19.54 -9.98 3.36
C VAL B 100 -18.72 -8.72 3.12
N ASP B 101 -18.65 -8.29 1.87
CA ASP B 101 -17.93 -7.07 1.50
C ASP B 101 -18.94 -5.93 1.41
N ILE B 102 -18.70 -4.88 2.19
CA ILE B 102 -19.68 -3.81 2.38
C ILE B 102 -19.00 -2.48 2.11
N CYS B 103 -19.65 -1.63 1.32
CA CYS B 103 -19.25 -0.25 1.11
C CYS B 103 -20.29 0.64 1.76
N ILE B 104 -19.83 1.52 2.65
CA ILE B 104 -20.68 2.46 3.35
C ILE B 104 -20.57 3.81 2.67
N THR B 105 -21.70 4.37 2.24
CA THR B 105 -21.70 5.65 1.56
C THR B 105 -22.41 6.70 2.42
N THR B 106 -21.88 7.92 2.38
CA THR B 106 -22.45 9.08 3.07
C THR B 106 -21.72 10.34 2.60
N PRO B 107 -22.43 11.47 2.45
CA PRO B 107 -21.73 12.74 2.19
C PRO B 107 -20.99 13.27 3.40
N TRP B 108 -21.26 12.73 4.59
CA TRP B 108 -20.60 13.12 5.83
C TRP B 108 -19.22 12.46 5.84
N ARG B 109 -18.23 13.16 5.27
CA ARG B 109 -16.91 12.58 5.09
C ARG B 109 -16.19 12.28 6.40
N GLU B 110 -16.72 12.75 7.53
CA GLU B 110 -16.12 12.41 8.82
C GLU B 110 -16.10 10.91 9.06
N LEU B 111 -17.11 10.19 8.54
CA LEU B 111 -17.19 8.75 8.73
C LEU B 111 -16.04 8.00 8.08
N GLU B 112 -15.30 8.63 7.17
CA GLU B 112 -14.18 7.95 6.51
C GLU B 112 -13.03 7.64 7.45
N SER B 113 -13.03 8.19 8.67
CA SER B 113 -12.14 7.75 9.73
C SER B 113 -12.75 6.49 10.32
N VAL B 114 -12.41 5.34 9.70
CA VAL B 114 -13.17 4.12 9.95
C VAL B 114 -13.01 3.59 11.37
N CYS B 115 -12.00 4.03 12.11
CA CYS B 115 -11.80 3.52 13.47
C CYS B 115 -12.94 3.93 14.41
N MET B 116 -13.69 4.98 14.08
CA MET B 116 -14.88 5.27 14.88
C MET B 116 -15.99 4.26 14.61
N ILE B 117 -16.03 3.71 13.40
CA ILE B 117 -16.96 2.61 13.13
C ILE B 117 -16.55 1.38 13.94
N ALA B 118 -15.24 1.13 14.04
CA ALA B 118 -14.76 -0.01 14.82
C ALA B 118 -15.17 0.09 16.28
N GLU B 119 -15.08 1.29 16.86
CA GLU B 119 -15.48 1.47 18.25
C GLU B 119 -16.98 1.19 18.42
N LEU B 120 -17.80 1.72 17.52
CA LEU B 120 -19.24 1.53 17.64
C LEU B 120 -19.63 0.07 17.53
N LEU B 121 -19.04 -0.66 16.58
CA LEU B 121 -19.39 -2.07 16.39
C LEU B 121 -18.88 -2.92 17.54
N ASP B 122 -17.66 -2.65 18.02
CA ASP B 122 -17.17 -3.36 19.20
C ASP B 122 -18.06 -3.07 20.40
N ARG B 123 -18.50 -1.81 20.55
CA ARG B 123 -19.38 -1.44 21.66
C ARG B 123 -20.69 -2.21 21.60
N HIS B 124 -21.17 -2.56 20.41
CA HIS B 124 -22.45 -3.22 20.22
C HIS B 124 -22.33 -4.73 20.00
N GLY B 125 -21.21 -5.33 20.42
CA GLY B 125 -21.11 -6.78 20.50
C GLY B 125 -20.46 -7.48 19.32
N MET B 126 -20.00 -6.75 18.31
CA MET B 126 -19.24 -7.40 17.24
C MET B 126 -17.87 -7.82 17.76
N GLU B 127 -17.33 -8.88 17.17
CA GLU B 127 -16.11 -9.49 17.65
C GLU B 127 -15.01 -9.36 16.60
N LYS B 128 -13.77 -9.53 17.07
CA LYS B 128 -12.58 -9.43 16.22
C LYS B 128 -12.57 -8.13 15.42
N VAL B 129 -12.94 -7.04 16.08
CA VAL B 129 -13.05 -5.74 15.42
C VAL B 129 -11.67 -5.12 15.28
N VAL B 130 -11.28 -4.81 14.05
CA VAL B 130 -10.01 -4.16 13.75
C VAL B 130 -10.24 -3.11 12.67
N CYS B 131 -9.65 -1.92 12.86
CA CYS B 131 -9.69 -0.87 11.85
C CYS B 131 -8.33 -0.76 11.18
N VAL B 132 -8.33 -0.12 10.01
CA VAL B 132 -7.14 -0.09 9.17
C VAL B 132 -6.99 1.28 8.51
N ALA B 135 -3.97 0.88 4.87
CA ALA B 135 -4.10 0.57 3.45
C ALA B 135 -4.57 1.79 2.67
N LYS B 136 -4.51 1.70 1.33
CA LYS B 136 -5.02 2.78 0.51
C LYS B 136 -6.52 2.96 0.71
N VAL B 137 -7.26 1.86 0.82
CA VAL B 137 -8.68 1.92 1.18
C VAL B 137 -8.80 1.44 2.63
N PRO B 138 -9.03 2.33 3.59
CA PRO B 138 -9.16 1.89 4.99
C PRO B 138 -10.34 0.93 5.14
N ILE B 139 -10.17 -0.05 6.03
CA ILE B 139 -11.09 -1.16 6.19
C ILE B 139 -11.37 -1.38 7.68
N VAL B 140 -12.61 -1.73 8.00
CA VAL B 140 -12.97 -2.29 9.30
C VAL B 140 -13.43 -3.72 9.08
N LYS B 141 -12.89 -4.64 9.86
CA LYS B 141 -13.25 -6.06 9.79
C LYS B 141 -13.94 -6.47 11.08
N ILE B 142 -15.03 -7.24 10.96
CA ILE B 142 -15.77 -7.71 12.12
C ILE B 142 -16.14 -9.18 11.93
N TRP B 143 -16.50 -9.81 13.04
CA TRP B 143 -17.15 -11.11 13.05
C TRP B 143 -18.47 -10.94 13.79
N ASP B 144 -19.57 -11.26 13.13
CA ASP B 144 -20.88 -11.24 13.77
C ASP B 144 -21.14 -12.61 14.38
N PRO B 145 -21.05 -12.77 15.71
CA PRO B 145 -21.28 -14.10 16.29
C PRO B 145 -22.73 -14.55 16.21
N GLU B 146 -23.67 -13.63 16.02
CA GLU B 146 -25.08 -14.01 15.90
C GLU B 146 -25.38 -14.61 14.54
N LEU B 147 -24.98 -13.91 13.48
CA LEU B 147 -25.25 -14.36 12.11
C LEU B 147 -24.16 -15.24 11.54
N LYS B 148 -23.04 -15.42 12.27
CA LYS B 148 -21.91 -16.23 11.81
C LYS B 148 -21.40 -15.76 10.44
N LEU B 149 -21.10 -14.47 10.36
CA LEU B 149 -20.62 -13.85 9.13
C LEU B 149 -19.44 -12.96 9.42
N ALA B 150 -18.37 -13.12 8.64
CA ALA B 150 -17.25 -12.18 8.65
C ALA B 150 -17.52 -11.09 7.62
N CYS B 151 -17.13 -9.86 7.95
CA CYS B 151 -17.48 -8.72 7.12
C CYS B 151 -16.32 -7.74 7.05
N ASP B 152 -15.97 -7.36 5.82
CA ASP B 152 -15.05 -6.26 5.55
C ASP B 152 -15.86 -5.08 5.05
N MET B 153 -15.54 -3.89 5.54
CA MET B 153 -16.29 -2.72 5.13
C MET B 153 -15.37 -1.53 4.96
N ASN B 154 -15.69 -0.69 3.97
CA ASN B 154 -15.01 0.57 3.74
C ASN B 154 -16.06 1.67 3.59
N VAL B 155 -15.58 2.91 3.54
CA VAL B 155 -16.46 4.08 3.50
C VAL B 155 -16.18 4.84 2.21
N ASN B 156 -17.24 5.04 1.40
CA ASN B 156 -17.22 5.92 0.24
C ASN B 156 -16.24 5.48 -0.84
N ASN B 157 -15.99 4.17 -0.94
CA ASN B 157 -15.18 3.62 -2.03
C ASN B 157 -16.11 3.41 -3.23
N THR B 158 -16.40 4.51 -3.92
CA THR B 158 -17.32 4.45 -5.05
C THR B 158 -16.77 3.62 -6.20
N LEU B 159 -15.43 3.54 -6.32
CA LEU B 159 -14.85 2.76 -7.41
C LEU B 159 -15.16 1.28 -7.27
N ALA B 160 -15.20 0.77 -6.03
CA ALA B 160 -15.48 -0.65 -5.82
C ALA B 160 -16.93 -0.98 -6.16
N LEU B 161 -17.85 -0.05 -5.89
CA LEU B 161 -19.24 -0.28 -6.26
C LEU B 161 -19.41 -0.30 -7.78
N GLU B 162 -18.68 0.56 -8.48
CA GLU B 162 -18.83 0.63 -9.93
C GLU B 162 -18.22 -0.59 -10.61
N ASN B 163 -17.04 -1.04 -10.18
CA ASN B 163 -16.48 -2.22 -10.83
C ASN B 163 -17.19 -3.49 -10.40
N THR B 164 -17.81 -3.51 -9.22
CA THR B 164 -18.70 -4.60 -8.87
C THR B 164 -19.90 -4.65 -9.81
N ARG B 165 -20.45 -3.46 -10.14
CA ARG B 165 -21.53 -3.39 -11.12
C ARG B 165 -21.06 -3.81 -12.51
N MET B 166 -19.81 -3.52 -12.85
CA MET B 166 -19.27 -3.96 -14.13
C MET B 166 -19.15 -5.48 -14.19
N VAL B 167 -18.60 -6.08 -13.13
CA VAL B 167 -18.50 -7.53 -13.07
C VAL B 167 -19.89 -8.17 -13.15
N ARG B 168 -20.85 -7.63 -12.40
CA ARG B 168 -22.20 -8.20 -12.39
C ARG B 168 -22.81 -8.15 -13.78
N THR B 169 -22.56 -7.08 -14.53
CA THR B 169 -23.07 -7.00 -15.90
C THR B 169 -22.46 -8.09 -16.77
N TYR B 170 -21.15 -8.32 -16.65
CA TYR B 170 -20.50 -9.39 -17.39
C TYR B 170 -21.11 -10.75 -17.05
N VAL B 171 -21.36 -10.99 -15.77
CA VAL B 171 -21.95 -12.27 -15.35
C VAL B 171 -23.35 -12.45 -15.93
N SER B 172 -24.07 -11.34 -16.15
CA SER B 172 -25.43 -11.40 -16.66
C SER B 172 -25.50 -11.55 -18.18
N ILE B 173 -24.38 -11.41 -18.89
CA ILE B 173 -24.43 -11.41 -20.35
C ILE B 173 -24.59 -12.82 -20.90
N ASP B 174 -23.90 -13.80 -20.31
CA ASP B 174 -23.94 -15.16 -20.83
C ASP B 174 -24.09 -16.15 -19.69
N ASP B 175 -24.83 -17.24 -19.95
CA ASP B 175 -25.17 -18.19 -18.90
C ASP B 175 -23.98 -18.99 -18.41
N ARG B 176 -22.91 -19.09 -19.20
CA ARG B 176 -21.74 -19.84 -18.80
C ARG B 176 -20.83 -19.09 -17.85
N VAL B 177 -21.01 -17.77 -17.71
CA VAL B 177 -20.04 -16.95 -16.98
C VAL B 177 -20.08 -17.26 -15.49
N ARG B 178 -21.27 -17.36 -14.92
CA ARG B 178 -21.36 -17.55 -13.47
C ARG B 178 -20.77 -18.90 -13.03
N PRO B 179 -21.15 -20.05 -13.61
CA PRO B 179 -20.50 -21.30 -13.18
C PRO B 179 -19.02 -21.34 -13.48
N LEU B 180 -18.59 -20.80 -14.62
CA LEU B 180 -17.16 -20.80 -14.94
C LEU B 180 -16.38 -19.96 -13.94
N ALA B 181 -16.86 -18.76 -13.64
CA ALA B 181 -16.14 -17.89 -12.72
C ALA B 181 -16.15 -18.44 -11.30
N MET B 182 -17.28 -18.96 -10.84
CA MET B 182 -17.36 -19.49 -9.48
C MET B 182 -16.50 -20.74 -9.32
N ILE B 183 -16.46 -21.60 -10.34
CA ILE B 183 -15.64 -22.80 -10.25
C ILE B 183 -14.16 -22.44 -10.25
N ILE B 184 -13.75 -21.49 -11.10
CA ILE B 184 -12.36 -21.05 -11.12
C ILE B 184 -11.99 -20.36 -9.81
N LYS B 185 -12.92 -19.58 -9.23
CA LYS B 185 -12.67 -18.98 -7.93
C LYS B 185 -12.48 -20.04 -6.85
N TYR B 186 -13.27 -21.11 -6.90
CA TYR B 186 -13.11 -22.20 -5.95
C TYR B 186 -11.72 -22.82 -6.06
N TRP B 187 -11.21 -22.94 -7.29
CA TRP B 187 -9.86 -23.46 -7.47
C TRP B 187 -8.82 -22.51 -6.90
N THR B 188 -9.00 -21.19 -7.08
CA THR B 188 -8.06 -20.23 -6.51
C THR B 188 -8.05 -20.32 -4.99
N ARG B 189 -9.21 -20.56 -4.38
CA ARG B 189 -9.27 -20.74 -2.94
C ARG B 189 -8.57 -22.02 -2.50
N ARG B 190 -8.90 -23.14 -3.15
CA ARG B 190 -8.33 -24.43 -2.78
C ARG B 190 -6.81 -24.42 -2.91
N ARG B 191 -6.29 -23.89 -4.01
CA ARG B 191 -4.86 -23.83 -4.23
C ARG B 191 -4.18 -22.72 -3.47
N VAL B 192 -4.95 -21.88 -2.76
CA VAL B 192 -4.43 -20.77 -1.98
C VAL B 192 -3.57 -19.88 -2.86
N VAL B 193 -4.16 -19.39 -3.95
CA VAL B 193 -3.47 -18.46 -4.84
C VAL B 193 -4.34 -17.21 -5.00
N ASN B 194 -5.12 -16.90 -3.97
CA ASN B 194 -6.06 -15.77 -4.00
C ASN B 194 -5.78 -14.78 -2.88
N ASP B 195 -4.52 -14.67 -2.46
CA ASP B 195 -4.13 -13.83 -1.33
C ASP B 195 -3.07 -12.84 -1.80
N ALA B 196 -3.51 -11.71 -2.34
CA ALA B 196 -2.61 -10.66 -2.79
C ALA B 196 -2.10 -9.77 -1.67
N ALA B 197 -2.55 -10.00 -0.43
CA ALA B 197 -2.15 -9.18 0.70
C ALA B 197 -1.05 -9.85 1.52
N PHE B 198 -1.29 -11.05 2.03
CA PHE B 198 -0.33 -11.75 2.85
C PHE B 198 0.34 -12.94 2.16
N GLY B 199 -0.25 -13.45 1.07
CA GLY B 199 0.29 -14.63 0.43
C GLY B 199 1.16 -14.33 -0.78
N GLY B 200 1.12 -13.10 -1.27
CA GLY B 200 1.90 -12.74 -2.43
C GLY B 200 1.36 -13.24 -3.75
N THR B 201 0.09 -13.62 -3.80
CA THR B 201 -0.51 -14.06 -5.05
C THR B 201 -1.44 -12.99 -5.62
N LEU B 202 -2.57 -13.40 -6.18
CA LEU B 202 -3.46 -12.51 -6.91
C LEU B 202 -4.79 -12.36 -6.17
N SER B 203 -5.36 -11.15 -6.23
CA SER B 203 -6.65 -10.91 -5.61
C SER B 203 -7.76 -11.57 -6.42
N SER B 204 -8.94 -11.70 -5.79
CA SER B 204 -10.08 -12.28 -6.48
C SER B 204 -10.53 -11.41 -7.64
N TYR B 205 -10.40 -10.09 -7.51
CA TYR B 205 -10.71 -9.20 -8.63
C TYR B 205 -9.73 -9.39 -9.77
N THR B 206 -8.47 -9.71 -9.46
CA THR B 206 -7.50 -10.00 -10.51
C THR B 206 -7.88 -11.27 -11.27
N TRP B 207 -8.27 -12.33 -10.55
CA TRP B 207 -8.68 -13.56 -11.22
C TRP B 207 -9.91 -13.32 -12.09
N ILE B 208 -10.86 -12.54 -11.59
CA ILE B 208 -12.09 -12.30 -12.33
C ILE B 208 -11.81 -11.54 -13.63
N CYS B 209 -10.89 -10.57 -13.59
CA CYS B 209 -10.51 -9.88 -14.82
C CYS B 209 -9.83 -10.83 -15.79
N MET B 210 -9.02 -11.76 -15.27
CA MET B 210 -8.40 -12.76 -16.13
C MET B 210 -9.43 -13.69 -16.74
N ILE B 211 -10.49 -14.03 -16.00
CA ILE B 211 -11.57 -14.85 -16.54
C ILE B 211 -12.27 -14.11 -17.67
N ILE B 212 -12.63 -12.84 -17.43
CA ILE B 212 -13.35 -12.06 -18.44
C ILE B 212 -12.47 -11.80 -19.65
N ALA B 213 -11.19 -11.47 -19.43
CA ALA B 213 -10.28 -11.24 -20.55
C ALA B 213 -10.13 -12.50 -21.40
N PHE B 214 -10.00 -13.65 -20.76
CA PHE B 214 -9.96 -14.91 -21.49
C PHE B 214 -11.23 -15.12 -22.29
N LEU B 215 -12.39 -14.82 -21.69
CA LEU B 215 -13.66 -14.98 -22.38
C LEU B 215 -13.80 -13.99 -23.53
N GLN B 216 -13.23 -12.78 -23.40
CA GLN B 216 -13.31 -11.81 -24.49
C GLN B 216 -12.47 -12.25 -25.68
N LEU B 217 -11.32 -12.86 -25.43
CA LEU B 217 -10.40 -13.22 -26.50
C LEU B 217 -10.75 -14.53 -27.17
N ARG B 218 -11.83 -15.20 -26.76
CA ARG B 218 -12.29 -16.37 -27.48
C ARG B 218 -12.76 -15.98 -28.88
N ASP B 219 -12.82 -16.97 -29.76
CA ASP B 219 -13.29 -16.77 -31.13
C ASP B 219 -14.28 -17.88 -31.46
N PRO B 220 -15.59 -17.58 -31.53
CA PRO B 220 -16.14 -16.25 -31.29
C PRO B 220 -16.17 -15.87 -29.81
N PRO B 221 -16.13 -14.57 -29.51
CA PRO B 221 -16.00 -14.15 -28.10
C PRO B 221 -17.26 -14.42 -27.29
N VAL B 222 -17.05 -14.84 -26.05
CA VAL B 222 -18.17 -15.09 -25.14
C VAL B 222 -18.66 -13.79 -24.52
N LEU B 223 -17.75 -12.86 -24.22
CA LEU B 223 -18.09 -11.60 -23.61
C LEU B 223 -17.56 -10.45 -24.44
N PRO B 224 -18.26 -9.33 -24.48
CA PRO B 224 -17.78 -8.15 -25.20
C PRO B 224 -16.85 -7.33 -24.32
N ALA B 225 -16.38 -6.22 -24.88
CA ALA B 225 -15.63 -5.21 -24.13
C ALA B 225 -16.63 -4.11 -23.81
N LEU B 226 -17.22 -4.17 -22.60
CA LEU B 226 -18.30 -3.27 -22.25
C LEU B 226 -17.84 -1.81 -22.26
N HIS B 227 -16.57 -1.57 -21.95
CA HIS B 227 -16.06 -0.20 -21.96
C HIS B 227 -15.96 0.40 -23.36
N GLN B 228 -16.07 -0.42 -24.41
CA GLN B 228 -16.00 0.06 -25.79
C GLN B 228 -17.33 -0.02 -26.53
N GLN B 229 -18.39 -0.51 -25.88
CA GLN B 229 -19.71 -0.57 -26.48
C GLN B 229 -20.46 0.72 -26.12
N HIS B 230 -20.11 1.78 -26.85
CA HIS B 230 -20.58 3.12 -26.46
C HIS B 230 -22.08 3.30 -26.64
N ASP B 231 -22.67 2.59 -27.60
CA ASP B 231 -24.09 2.76 -27.88
C ASP B 231 -24.99 1.98 -26.92
N LEU B 232 -24.44 1.03 -26.15
CA LEU B 232 -25.21 0.30 -25.16
C LEU B 232 -25.10 0.90 -23.76
N LYS B 233 -24.43 2.05 -23.63
CA LYS B 233 -24.34 2.72 -22.34
C LYS B 233 -25.66 3.39 -21.99
N LEU B 234 -25.96 3.44 -20.70
CA LEU B 234 -27.14 4.10 -20.18
C LEU B 234 -26.73 5.29 -19.31
N VAL B 235 -27.70 6.13 -19.01
CA VAL B 235 -27.48 7.30 -18.16
C VAL B 235 -27.68 6.88 -16.71
N LYS B 236 -26.63 7.06 -15.90
CA LYS B 236 -26.73 6.75 -14.49
C LYS B 236 -27.61 7.79 -13.79
N GLN B 237 -27.95 7.48 -12.53
CA GLN B 237 -28.82 8.38 -11.76
C GLN B 237 -28.18 9.74 -11.52
N ASP B 238 -26.84 9.83 -11.59
CA ASP B 238 -26.16 11.11 -11.48
C ASP B 238 -26.19 11.91 -12.78
N GLY B 239 -26.88 11.41 -13.81
CA GLY B 239 -26.95 12.07 -15.09
C GLY B 239 -25.78 11.79 -16.02
N ALA B 240 -24.68 11.24 -15.50
CA ALA B 240 -23.50 10.97 -16.30
C ALA B 240 -23.61 9.61 -16.99
N LEU B 241 -23.03 9.54 -18.19
CA LEU B 241 -23.04 8.29 -18.94
C LEU B 241 -22.13 7.26 -18.27
N SER B 242 -22.58 6.01 -18.25
CA SER B 242 -21.79 4.95 -17.65
C SER B 242 -20.49 4.76 -18.43
N ASP B 243 -19.44 4.36 -17.70
CA ASP B 243 -18.15 4.11 -18.35
C ASP B 243 -18.20 2.86 -19.22
N PHE B 244 -19.04 1.89 -18.88
CA PHE B 244 -19.16 0.64 -19.61
C PHE B 244 -20.59 0.42 -20.02
N ALA B 245 -20.78 -0.41 -21.05
CA ALA B 245 -22.12 -0.78 -21.49
C ALA B 245 -22.84 -1.56 -20.41
N ASP B 246 -24.05 -1.12 -20.07
CA ASP B 246 -24.82 -1.75 -19.00
C ASP B 246 -26.26 -2.06 -19.37
N ASP B 247 -26.65 -1.85 -20.63
CA ASP B 247 -28.00 -2.22 -21.07
C ASP B 247 -28.12 -3.73 -21.14
N ILE B 248 -28.44 -4.36 -19.99
CA ILE B 248 -28.43 -5.82 -19.91
C ILE B 248 -29.36 -6.48 -20.91
N PRO B 249 -30.62 -6.04 -21.10
CA PRO B 249 -31.48 -6.71 -22.09
C PRO B 249 -30.89 -6.71 -23.49
N LYS B 250 -30.24 -5.62 -23.90
CA LYS B 250 -29.65 -5.56 -25.22
C LYS B 250 -28.26 -6.20 -25.28
N LEU B 251 -27.73 -6.67 -24.16
CA LEU B 251 -26.41 -7.28 -24.13
C LEU B 251 -26.45 -8.79 -23.96
N ARG B 252 -27.58 -9.34 -23.51
CA ARG B 252 -27.66 -10.78 -23.27
C ARG B 252 -27.52 -11.56 -24.57
N GLY B 253 -26.90 -12.73 -24.47
CA GLY B 253 -26.73 -13.56 -25.63
C GLY B 253 -25.63 -13.14 -26.57
N PHE B 254 -24.72 -12.28 -26.11
CA PHE B 254 -23.61 -11.85 -26.97
C PHE B 254 -22.72 -13.02 -27.34
N GLY B 255 -22.40 -13.88 -26.38
CA GLY B 255 -21.54 -15.01 -26.62
C GLY B 255 -22.29 -16.26 -27.05
N ALA B 256 -23.54 -16.08 -27.49
CA ALA B 256 -24.31 -17.21 -27.99
C ALA B 256 -23.70 -17.78 -29.25
N LYS B 257 -22.97 -16.96 -30.01
CA LYS B 257 -22.28 -17.47 -31.20
C LYS B 257 -21.18 -18.45 -30.81
N ASN B 258 -20.64 -18.34 -29.60
CA ASN B 258 -19.70 -19.32 -29.08
C ASN B 258 -20.47 -20.51 -28.53
N LYS B 259 -20.20 -21.70 -29.06
CA LYS B 259 -20.99 -22.89 -28.77
C LYS B 259 -20.29 -23.85 -27.81
N ASP B 260 -19.13 -23.46 -27.26
CA ASP B 260 -18.39 -24.37 -26.40
C ASP B 260 -19.06 -24.52 -25.05
N SER B 261 -19.02 -25.73 -24.51
CA SER B 261 -19.61 -26.01 -23.21
C SER B 261 -18.75 -25.42 -22.09
N LEU B 262 -19.30 -25.46 -20.87
CA LEU B 262 -18.56 -24.99 -19.71
C LEU B 262 -17.32 -25.83 -19.46
N ALA B 263 -17.39 -27.13 -19.78
CA ALA B 263 -16.24 -27.99 -19.60
C ALA B 263 -15.11 -27.63 -20.56
N VAL B 264 -15.46 -27.35 -21.82
CA VAL B 264 -14.45 -26.93 -22.78
C VAL B 264 -13.86 -25.58 -22.38
N LEU B 265 -14.71 -24.68 -21.86
CA LEU B 265 -14.22 -23.37 -21.44
C LEU B 265 -13.25 -23.47 -20.28
N LEU B 266 -13.51 -24.38 -19.33
CA LEU B 266 -12.57 -24.56 -18.23
C LEU B 266 -11.25 -25.11 -18.73
N PHE B 267 -11.30 -26.08 -19.65
CA PHE B 267 -10.09 -26.59 -20.29
C PHE B 267 -9.37 -25.49 -21.04
N GLN B 268 -10.12 -24.69 -21.82
CA GLN B 268 -9.49 -23.62 -22.59
C GLN B 268 -8.95 -22.51 -21.69
N PHE B 269 -9.58 -22.28 -20.54
CA PHE B 269 -9.07 -21.29 -19.61
C PHE B 269 -7.67 -21.66 -19.15
N PHE B 270 -7.51 -22.88 -18.62
CA PHE B 270 -6.20 -23.29 -18.13
C PHE B 270 -5.21 -23.44 -19.27
N ARG B 271 -5.65 -23.91 -20.44
CA ARG B 271 -4.74 -24.03 -21.57
C ARG B 271 -4.25 -22.66 -22.02
N PHE B 272 -5.13 -21.66 -21.98
CA PHE B 272 -4.72 -20.31 -22.39
C PHE B 272 -3.63 -19.77 -21.49
N TYR B 273 -3.81 -19.89 -20.18
CA TYR B 273 -2.86 -19.34 -19.22
C TYR B 273 -1.69 -20.26 -18.92
N ALA B 274 -1.78 -21.54 -19.31
CA ALA B 274 -0.65 -22.45 -19.07
C ALA B 274 0.39 -22.35 -20.18
N HIS B 275 -0.05 -22.27 -21.42
CA HIS B 275 0.87 -22.37 -22.56
C HIS B 275 0.65 -21.31 -23.62
N GLU B 276 -0.59 -20.88 -23.85
CA GLU B 276 -0.87 -20.00 -24.98
C GLU B 276 -0.40 -18.57 -24.71
N PHE B 277 -0.86 -17.99 -23.60
CA PHE B 277 -0.65 -16.57 -23.36
C PHE B 277 0.83 -16.27 -23.11
N ASP B 278 1.34 -15.27 -23.83
CA ASP B 278 2.73 -14.82 -23.65
C ASP B 278 2.73 -13.78 -22.55
N TYR B 279 3.04 -14.23 -21.32
CA TYR B 279 3.09 -13.33 -20.17
C TYR B 279 4.16 -12.26 -20.33
N ASP B 280 5.23 -12.56 -21.06
CA ASP B 280 6.34 -11.61 -21.17
C ASP B 280 5.95 -10.38 -21.97
N LYS B 281 5.13 -10.55 -23.00
CA LYS B 281 4.85 -9.50 -23.98
C LYS B 281 3.57 -8.72 -23.70
N TYR B 282 2.52 -9.37 -23.24
CA TYR B 282 1.18 -8.80 -23.32
C TYR B 282 0.65 -8.34 -21.98
N THR B 283 -0.31 -7.42 -22.06
CA THR B 283 -1.12 -6.98 -20.93
C THR B 283 -2.57 -7.37 -21.22
N LEU B 284 -3.23 -7.93 -20.22
CA LEU B 284 -4.64 -8.31 -20.34
C LEU B 284 -5.50 -7.10 -19.99
N SER B 285 -6.39 -6.72 -20.92
CA SER B 285 -7.21 -5.51 -20.78
C SER B 285 -8.65 -5.86 -21.09
N ILE B 286 -9.48 -6.00 -20.04
CA ILE B 286 -10.90 -6.18 -20.26
C ILE B 286 -11.57 -4.88 -20.66
N ARG B 287 -10.92 -3.74 -20.37
CA ARG B 287 -11.41 -2.46 -20.85
C ARG B 287 -11.43 -2.42 -22.38
N MET B 288 -10.39 -2.94 -23.02
CA MET B 288 -10.30 -2.90 -24.48
C MET B 288 -10.88 -4.14 -25.13
N GLY B 289 -10.86 -5.29 -24.47
CA GLY B 289 -11.28 -6.54 -25.06
C GLY B 289 -10.25 -7.19 -25.96
N THR B 290 -9.13 -6.53 -26.24
CA THR B 290 -8.05 -7.11 -27.01
C THR B 290 -6.76 -6.99 -26.20
N LEU B 291 -5.74 -7.71 -26.66
CA LEU B 291 -4.46 -7.71 -25.98
C LEU B 291 -3.68 -6.43 -26.26
N LEU B 292 -3.01 -5.92 -25.22
CA LEU B 292 -2.08 -4.82 -25.34
C LEU B 292 -0.69 -5.30 -24.96
N THR B 293 0.34 -4.71 -25.55
CA THR B 293 1.69 -5.04 -25.12
C THR B 293 2.05 -4.21 -23.90
N LYS B 294 3.05 -4.70 -23.15
CA LYS B 294 3.57 -3.94 -22.02
C LYS B 294 4.27 -2.68 -22.49
N ALA B 295 5.04 -2.76 -23.57
CA ALA B 295 5.72 -1.59 -24.11
C ALA B 295 4.73 -0.54 -24.59
N GLU B 296 3.56 -0.96 -25.04
CA GLU B 296 2.50 -0.03 -25.43
C GLU B 296 2.12 0.89 -24.28
N LYS B 297 2.07 0.35 -23.06
CA LYS B 297 1.65 1.09 -21.87
C LYS B 297 2.83 1.56 -21.05
N ASN B 298 4.05 1.48 -21.59
CA ASN B 298 5.29 1.78 -20.84
C ASN B 298 5.39 0.92 -19.59
N TRP B 299 4.77 -0.26 -19.60
CA TRP B 299 4.73 -1.11 -18.42
C TRP B 299 5.89 -2.08 -18.33
N GLN B 300 6.88 -1.98 -19.22
CA GLN B 300 8.11 -2.73 -19.03
C GLN B 300 8.95 -2.15 -17.90
N TYR B 301 8.58 -0.99 -17.37
CA TYR B 301 9.29 -0.36 -16.27
C TYR B 301 8.64 -0.62 -14.92
N LEU B 302 7.43 -1.17 -14.90
CA LEU B 302 6.78 -1.49 -13.64
C LEU B 302 7.52 -2.59 -12.89
N VAL B 303 7.67 -2.40 -11.59
CA VAL B 303 8.13 -3.47 -10.71
C VAL B 303 6.97 -4.45 -10.50
N ASN B 304 7.28 -5.74 -10.56
CA ASN B 304 6.27 -6.80 -10.55
C ASN B 304 5.31 -6.65 -11.74
N ASN B 305 5.88 -6.85 -12.92
CA ASN B 305 5.12 -6.78 -14.18
C ASN B 305 5.15 -8.09 -14.94
N ALA B 306 5.52 -9.20 -14.28
CA ALA B 306 5.51 -10.50 -14.93
C ALA B 306 4.10 -10.84 -15.42
N LEU B 307 3.10 -10.64 -14.57
CA LEU B 307 1.70 -10.70 -14.96
C LEU B 307 1.14 -9.29 -14.96
N CYS B 308 0.68 -8.84 -16.13
CA CYS B 308 0.12 -7.50 -16.30
C CYS B 308 -1.36 -7.62 -16.64
N VAL B 309 -2.21 -7.30 -15.67
CA VAL B 309 -3.67 -7.27 -15.84
C VAL B 309 -4.13 -5.84 -15.56
N GLU B 310 -4.61 -5.17 -16.60
CA GLU B 310 -4.96 -3.76 -16.50
C GLU B 310 -6.30 -3.58 -15.80
N GLU B 311 -6.35 -2.67 -14.84
CA GLU B 311 -7.61 -2.35 -14.19
C GLU B 311 -8.47 -1.54 -15.14
N PRO B 312 -9.73 -1.93 -15.37
CA PRO B 312 -10.52 -1.30 -16.45
C PRO B 312 -10.91 0.15 -16.17
N PHE B 313 -10.85 0.61 -14.91
CA PHE B 313 -11.20 1.99 -14.61
C PHE B 313 -9.98 2.88 -14.37
N ASN B 314 -8.84 2.31 -14.00
CA ASN B 314 -7.59 3.05 -13.88
C ASN B 314 -6.54 2.28 -14.68
N ASP B 315 -6.39 2.65 -15.95
CA ASP B 315 -5.50 1.93 -16.86
C ASP B 315 -4.04 2.06 -16.48
N GLY B 316 -3.74 2.87 -15.46
CA GLY B 316 -2.41 2.98 -14.91
C GLY B 316 -2.08 1.98 -13.85
N ARG B 317 -3.06 1.21 -13.37
CA ARG B 317 -2.85 0.25 -12.30
C ARG B 317 -2.78 -1.16 -12.87
N ASN B 318 -1.75 -1.91 -12.50
CA ASN B 318 -1.64 -3.31 -12.85
C ASN B 318 -2.13 -4.15 -11.68
N LEU B 319 -3.22 -4.88 -11.88
CA LEU B 319 -3.73 -5.74 -10.82
C LEU B 319 -2.79 -6.87 -10.47
N GLY B 320 -1.89 -7.24 -11.38
CA GLY B 320 -0.93 -8.29 -11.11
C GLY B 320 0.31 -7.86 -10.37
N ASN B 321 0.35 -6.62 -9.86
CA ASN B 321 1.55 -6.09 -9.22
C ASN B 321 1.85 -6.73 -7.87
N THR B 322 0.95 -7.56 -7.35
CA THR B 322 1.16 -8.22 -6.07
C THR B 322 1.92 -9.53 -6.19
N ALA B 323 2.44 -9.85 -7.38
CA ALA B 323 3.17 -11.09 -7.62
C ALA B 323 4.52 -10.76 -8.23
N ASP B 324 5.59 -10.98 -7.47
CA ASP B 324 6.93 -10.78 -8.00
C ASP B 324 7.29 -11.93 -8.94
N GLU B 325 8.54 -11.90 -9.43
CA GLU B 325 8.99 -12.91 -10.37
C GLU B 325 8.91 -14.30 -9.77
N THR B 326 9.21 -14.43 -8.47
CA THR B 326 9.14 -15.72 -7.81
C THR B 326 7.71 -16.20 -7.68
N SER B 327 6.81 -15.32 -7.24
CA SER B 327 5.41 -15.71 -7.06
C SER B 327 4.77 -16.07 -8.40
N PHE B 328 5.11 -15.33 -9.47
CA PHE B 328 4.51 -15.62 -10.77
C PHE B 328 4.94 -16.99 -11.28
N ARG B 329 6.19 -17.36 -11.06
CA ARG B 329 6.66 -18.69 -11.46
C ARG B 329 5.84 -19.78 -10.79
N GLY B 330 5.61 -19.65 -9.48
CA GLY B 330 4.76 -20.60 -8.78
C GLY B 330 3.33 -20.56 -9.27
N LEU B 331 2.84 -19.37 -9.61
CA LEU B 331 1.49 -19.24 -10.15
C LEU B 331 1.38 -19.91 -11.51
N HIS B 332 2.37 -19.70 -12.38
CA HIS B 332 2.36 -20.33 -13.69
C HIS B 332 2.42 -21.85 -13.57
N MET B 333 3.12 -22.36 -12.56
CA MET B 333 3.16 -23.80 -12.35
C MET B 333 1.81 -24.35 -11.91
N GLU B 334 1.10 -23.61 -11.05
CA GLU B 334 -0.24 -24.03 -10.65
C GLU B 334 -1.20 -24.05 -11.84
N LEU B 335 -1.03 -23.13 -12.78
CA LEU B 335 -1.90 -23.09 -13.95
C LEU B 335 -1.60 -24.23 -14.91
N ARG B 336 -0.32 -24.50 -15.16
CA ARG B 336 0.04 -25.65 -15.98
C ARG B 336 -0.34 -26.95 -15.30
N ARG B 337 -0.13 -27.04 -13.99
CA ARG B 337 -0.49 -28.24 -13.26
C ARG B 337 -2.01 -28.43 -13.20
N ALA B 338 -2.76 -27.33 -13.26
CA ALA B 338 -4.21 -27.44 -13.38
C ALA B 338 -4.62 -27.85 -14.78
N PHE B 339 -3.90 -27.40 -15.81
CA PHE B 339 -4.22 -27.79 -17.17
C PHE B 339 -4.03 -29.29 -17.38
N ASP B 340 -2.93 -29.84 -16.87
CA ASP B 340 -2.67 -31.27 -17.05
C ASP B 340 -3.77 -32.13 -16.43
N LEU B 341 -4.34 -31.69 -15.30
CA LEU B 341 -5.39 -32.48 -14.67
C LEU B 341 -6.74 -32.27 -15.33
N ILE B 342 -7.05 -31.03 -15.72
CA ILE B 342 -8.31 -30.77 -16.42
C ILE B 342 -8.31 -31.41 -17.80
N ALA B 343 -7.14 -31.54 -18.43
CA ALA B 343 -7.05 -32.18 -19.73
C ALA B 343 -7.57 -33.61 -19.68
N GLU B 344 -7.49 -34.26 -18.52
CA GLU B 344 -8.04 -35.59 -18.31
C GLU B 344 -9.35 -35.56 -17.54
N GLY B 345 -9.91 -34.37 -17.30
CA GLY B 345 -11.15 -34.27 -16.56
C GLY B 345 -11.03 -34.50 -15.07
N LYS B 346 -9.82 -34.39 -14.52
CA LYS B 346 -9.59 -34.61 -13.09
C LYS B 346 -9.90 -33.31 -12.34
N LEU B 347 -11.19 -32.98 -12.29
CA LEU B 347 -11.61 -31.75 -11.64
C LEU B 347 -11.36 -31.80 -10.14
N GLU B 348 -11.60 -32.96 -9.51
CA GLU B 348 -11.46 -33.06 -8.07
C GLU B 348 -10.00 -32.91 -7.65
N GLU B 349 -9.08 -33.55 -8.37
CA GLU B 349 -7.66 -33.39 -8.05
C GLU B 349 -7.15 -32.02 -8.48
N CYS B 350 -7.75 -31.42 -9.51
CA CYS B 350 -7.39 -30.06 -9.88
C CYS B 350 -7.66 -29.10 -8.74
N CYS B 351 -8.82 -29.23 -8.10
CA CYS B 351 -9.20 -28.40 -6.96
C CYS B 351 -8.78 -29.00 -5.64
N GLU B 352 -7.75 -29.84 -5.65
CA GLU B 352 -7.25 -30.44 -4.41
C GLU B 352 -6.69 -29.36 -3.50
N GLN B 353 -7.00 -29.46 -2.21
CA GLN B 353 -6.61 -28.43 -1.27
C GLN B 353 -5.11 -28.45 -1.02
N TYR B 354 -4.46 -27.30 -1.21
CA TYR B 354 -3.02 -27.20 -1.05
C TYR B 354 -2.67 -27.11 0.44
N VAL B 355 -1.81 -28.01 0.90
CA VAL B 355 -1.32 -27.95 2.28
C VAL B 355 0.13 -27.47 2.29
#